data_2HA0
#
_entry.id   2HA0
#
_cell.length_a   79.228
_cell.length_b   111.795
_cell.length_c   226.940
_cell.angle_alpha   90.00
_cell.angle_beta   90.00
_cell.angle_gamma   90.00
#
_symmetry.space_group_name_H-M   'P 21 21 21'
#
loop_
_entity.id
_entity.type
_entity.pdbx_description
1 polymer Acetylcholinesterase
2 branched alpha-L-fucopyranose-(1-6)-2-acetamido-2-deoxy-beta-D-glucopyranose
3 non-polymer 2-acetamido-2-deoxy-beta-D-glucopyranose
4 non-polymer 'IODIDE ION'
5 non-polymer 4,4-DIHYDROXY-N,N,N-TRIMETHYLPENTAN-1-AMINIUM
6 non-polymer N,N,N-TRIMETHYL-4-OXOPENTAN-1-AMINIUM
7 non-polymer 'HEXAETHYLENE GLYCOL'
8 water water
#
_entity_poly.entity_id   1
_entity_poly.type   'polypeptide(L)'
_entity_poly.pdbx_seq_one_letter_code
;EGREDPQLLVRVRGGQLRGIRLKAPGGPVSAFLGIPFAEPPVGSRRFMPPEPKRPWSGVLDATTFQNVCYQYVDTLYPGF
EGTEMWNPNRELSEDCLYLNVWTPYPRPASPTPVLIWIYGGGFYSGAASLDVYDGRFLAQVEGAVLVSMNYRVGTFGFLA
LPGSREAPGNVGLLDQRLALQWVQENIAAFGGDPMSVTLFGESAGAASVGMHILSLPSRSLFHRAVLQSGTPNGPWATVS
AGEARRRATLLARLVGCPPGGAGGNDTELIACLRTRPAQDLVDHEWHVLPQESIFRFSFVPVVDGDFLSDTPEALINTGD
FQDLQVLVGVVKDEGSYFLVYGVPGFSKDNESLISRAQFLAGVRIGVPQASDLAAEAVVLHYTDWLHPEDPTHLRDAMSA
VVGDHNVVCPVAQLAGRLAAQGARVYAYIFEHRASTLTWPLWMGVPHGYEIEFIFGLPLDPSLNYTTEERIFAQRLMKYW
TNFARTGDPNDPRDSKSPQWPPYTTAAQQYVSLNLKPLEVRRGLRAQTCAFWNRFLPKLLSAT
;
_entity_poly.pdbx_strand_id   A,B
#
# COMPACT_ATOMS: atom_id res chain seq x y z
N ARG A 3 -51.87 -34.24 -33.46
CA ARG A 3 -51.78 -35.26 -32.32
C ARG A 3 -50.71 -35.05 -31.22
N GLU A 4 -49.89 -34.01 -31.34
CA GLU A 4 -48.87 -33.68 -30.36
C GLU A 4 -49.17 -32.34 -29.70
N ASP A 5 -48.44 -32.02 -28.65
CA ASP A 5 -48.71 -30.85 -27.81
C ASP A 5 -48.68 -29.57 -28.64
N PRO A 6 -49.85 -28.93 -28.84
CA PRO A 6 -49.93 -27.76 -29.72
C PRO A 6 -49.16 -26.55 -29.19
N GLN A 7 -48.85 -26.59 -27.89
CA GLN A 7 -48.23 -25.48 -27.23
C GLN A 7 -46.70 -25.55 -27.35
N LEU A 8 -46.19 -26.54 -28.08
CA LEU A 8 -44.74 -26.70 -28.27
C LEU A 8 -44.26 -26.52 -29.72
N LEU A 9 -45.14 -26.02 -30.59
CA LEU A 9 -44.84 -25.88 -32.01
C LEU A 9 -44.74 -24.40 -32.35
N VAL A 10 -43.61 -24.00 -32.93
CA VAL A 10 -43.27 -22.60 -33.16
C VAL A 10 -42.48 -22.46 -34.49
N ARG A 11 -42.71 -21.37 -35.19
CA ARG A 11 -41.98 -21.08 -36.42
C ARG A 11 -41.04 -19.91 -36.19
N VAL A 12 -39.81 -20.05 -36.70
CA VAL A 12 -38.82 -18.98 -36.76
C VAL A 12 -38.40 -18.76 -38.22
N ARG A 13 -37.54 -17.77 -38.46
CA ARG A 13 -37.12 -17.41 -39.82
C ARG A 13 -36.70 -18.61 -40.65
N GLY A 14 -36.02 -19.55 -40.01
CA GLY A 14 -35.50 -20.73 -40.68
C GLY A 14 -36.48 -21.88 -40.85
N GLY A 15 -37.62 -21.81 -40.18
CA GLY A 15 -38.63 -22.87 -40.30
C GLY A 15 -39.30 -23.26 -38.99
N GLN A 16 -39.97 -24.40 -39.02
CA GLN A 16 -40.76 -24.88 -37.89
C GLN A 16 -39.92 -25.63 -36.89
N LEU A 17 -40.22 -25.44 -35.60
CA LEU A 17 -39.53 -26.12 -34.49
C LEU A 17 -40.52 -26.87 -33.62
N ARG A 18 -40.07 -27.95 -32.98
CA ARG A 18 -40.83 -28.63 -31.93
C ARG A 18 -39.99 -28.66 -30.67
N GLY A 19 -40.46 -28.02 -29.60
CA GLY A 19 -39.77 -28.01 -28.31
C GLY A 19 -40.28 -29.12 -27.39
N ILE A 20 -39.90 -29.03 -26.12
CA ILE A 20 -40.27 -30.05 -25.12
C ILE A 20 -40.76 -29.36 -23.84
N ARG A 21 -41.75 -29.98 -23.20
CA ARG A 21 -42.28 -29.51 -21.94
C ARG A 21 -41.42 -30.10 -20.82
N LEU A 22 -40.73 -29.24 -20.07
CA LEU A 22 -39.87 -29.66 -18.97
C LEU A 22 -40.53 -29.36 -17.65
N LYS A 23 -40.22 -30.17 -16.64
CA LYS A 23 -40.75 -29.96 -15.30
C LYS A 23 -39.83 -29.03 -14.51
N ALA A 24 -40.39 -27.92 -14.02
CA ALA A 24 -39.73 -27.12 -13.01
C ALA A 24 -40.53 -27.33 -11.71
N PRO A 25 -39.89 -27.13 -10.55
CA PRO A 25 -40.59 -27.46 -9.30
C PRO A 25 -41.94 -26.78 -9.07
N GLY A 26 -42.11 -25.55 -9.53
CA GLY A 26 -43.40 -24.85 -9.39
C GLY A 26 -44.35 -25.02 -10.57
N GLY A 27 -43.92 -25.76 -11.59
CA GLY A 27 -44.75 -25.99 -12.78
C GLY A 27 -43.94 -26.26 -14.02
N PRO A 28 -44.63 -26.52 -15.15
CA PRO A 28 -43.94 -26.78 -16.42
C PRO A 28 -43.34 -25.53 -17.06
N VAL A 29 -42.32 -25.74 -17.91
CA VAL A 29 -41.76 -24.70 -18.77
C VAL A 29 -41.60 -25.26 -20.18
N SER A 30 -41.48 -24.36 -21.17
CA SER A 30 -41.18 -24.77 -22.55
C SER A 30 -39.69 -24.62 -22.83
N ALA A 31 -39.12 -25.59 -23.51
CA ALA A 31 -37.71 -25.55 -23.86
C ALA A 31 -37.56 -25.82 -25.34
N PHE A 32 -36.80 -24.96 -26.02
CA PHE A 32 -36.46 -25.18 -27.42
C PHE A 32 -34.96 -25.23 -27.50
N LEU A 33 -34.41 -26.44 -27.56
CA LEU A 33 -32.98 -26.70 -27.37
C LEU A 33 -32.37 -27.17 -28.67
N GLY A 34 -31.16 -26.73 -28.98
CA GLY A 34 -30.48 -27.14 -30.22
C GLY A 34 -30.96 -26.48 -31.51
N ILE A 35 -31.42 -25.24 -31.41
CA ILE A 35 -31.85 -24.48 -32.61
C ILE A 35 -30.63 -23.92 -33.34
N PRO A 36 -30.45 -24.28 -34.63
CA PRO A 36 -29.27 -23.77 -35.32
C PRO A 36 -29.44 -22.32 -35.72
N PHE A 37 -28.42 -21.50 -35.50
CA PHE A 37 -28.51 -20.10 -35.90
C PHE A 37 -27.46 -19.72 -36.96
N ALA A 38 -26.61 -20.67 -37.35
CA ALA A 38 -25.60 -20.43 -38.38
C ALA A 38 -25.37 -21.68 -39.21
N GLU A 39 -24.80 -21.53 -40.40
CA GLU A 39 -24.28 -22.68 -41.13
C GLU A 39 -23.12 -23.30 -40.34
N PRO A 40 -23.06 -24.63 -40.27
CA PRO A 40 -21.94 -25.29 -39.61
C PRO A 40 -20.59 -24.72 -40.03
N PRO A 41 -19.83 -24.20 -39.06
CA PRO A 41 -18.54 -23.59 -39.37
C PRO A 41 -17.43 -24.61 -39.60
N VAL A 42 -17.66 -25.55 -40.52
CA VAL A 42 -16.80 -26.69 -40.70
C VAL A 42 -16.08 -26.61 -42.04
N GLY A 43 -14.99 -27.36 -42.18
CA GLY A 43 -14.31 -27.44 -43.44
C GLY A 43 -13.71 -26.09 -43.82
N SER A 44 -14.08 -25.62 -45.01
CA SER A 44 -13.57 -24.36 -45.54
C SER A 44 -14.06 -23.17 -44.73
N ARG A 45 -15.06 -23.37 -43.89
CA ARG A 45 -15.60 -22.29 -43.08
C ARG A 45 -14.88 -22.15 -41.73
N ARG A 46 -13.99 -23.09 -41.41
CA ARG A 46 -13.19 -22.99 -40.18
C ARG A 46 -12.41 -21.67 -40.16
N PHE A 47 -12.42 -21.03 -38.98
CA PHE A 47 -11.82 -19.69 -38.75
C PHE A 47 -12.54 -18.50 -39.41
N MET A 48 -13.59 -18.78 -40.19
CA MET A 48 -14.31 -17.72 -40.92
C MET A 48 -15.50 -17.22 -40.11
N PRO A 49 -15.92 -15.98 -40.35
CA PRO A 49 -17.14 -15.49 -39.72
C PRO A 49 -18.33 -16.42 -39.98
N PRO A 50 -19.30 -16.46 -39.07
CA PRO A 50 -20.46 -17.31 -39.25
C PRO A 50 -21.37 -16.79 -40.34
N GLU A 51 -21.98 -17.70 -41.09
CA GLU A 51 -23.01 -17.31 -42.06
C GLU A 51 -24.36 -17.70 -41.48
N PRO A 52 -25.41 -16.91 -41.77
CA PRO A 52 -26.72 -17.29 -41.21
C PRO A 52 -27.20 -18.65 -41.71
N LYS A 53 -27.96 -19.33 -40.87
CA LYS A 53 -28.45 -20.67 -41.17
C LYS A 53 -29.40 -20.63 -42.33
N ARG A 54 -29.21 -21.52 -43.31
CA ARG A 54 -30.13 -21.68 -44.41
C ARG A 54 -31.40 -22.36 -43.87
N PRO A 55 -32.60 -21.87 -44.28
CA PRO A 55 -33.86 -22.46 -43.85
C PRO A 55 -33.96 -23.96 -44.11
N TRP A 56 -34.65 -24.65 -43.21
CA TRP A 56 -34.82 -26.11 -43.31
C TRP A 56 -36.26 -26.45 -43.64
N SER A 57 -36.46 -27.66 -44.16
CA SER A 57 -37.80 -28.10 -44.52
C SER A 57 -38.31 -28.98 -43.40
N GLY A 58 -39.60 -28.92 -43.15
CA GLY A 58 -40.23 -29.73 -42.12
C GLY A 58 -39.99 -29.16 -40.74
N VAL A 59 -40.27 -29.99 -39.74
CA VAL A 59 -40.23 -29.58 -38.35
C VAL A 59 -38.91 -30.06 -37.74
N LEU A 60 -38.12 -29.13 -37.24
CA LEU A 60 -36.86 -29.44 -36.58
C LEU A 60 -37.11 -29.85 -35.13
N ASP A 61 -36.56 -30.99 -34.73
CA ASP A 61 -36.67 -31.39 -33.33
C ASP A 61 -35.75 -30.54 -32.44
N ALA A 62 -36.34 -29.79 -31.52
CA ALA A 62 -35.58 -28.94 -30.60
C ALA A 62 -35.83 -29.42 -29.17
N THR A 63 -35.65 -30.73 -28.96
CA THR A 63 -35.94 -31.35 -27.67
C THR A 63 -34.69 -31.73 -26.87
N THR A 64 -33.52 -31.71 -27.51
CA THR A 64 -32.26 -32.04 -26.86
C THR A 64 -31.17 -31.02 -27.19
N PHE A 65 -30.21 -30.87 -26.28
CA PHE A 65 -29.05 -30.01 -26.49
C PHE A 65 -28.21 -30.54 -27.65
N GLN A 66 -27.61 -29.61 -28.39
CA GLN A 66 -26.76 -29.98 -29.48
C GLN A 66 -25.29 -30.13 -29.06
N ASN A 67 -24.42 -30.42 -30.02
CA ASN A 67 -23.01 -30.61 -29.75
C ASN A 67 -22.37 -29.39 -29.08
N VAL A 68 -21.35 -29.65 -28.28
CA VAL A 68 -20.49 -28.64 -27.68
C VAL A 68 -19.37 -28.28 -28.64
N CYS A 69 -19.05 -26.98 -28.71
CA CYS A 69 -17.98 -26.53 -29.58
C CYS A 69 -16.67 -27.21 -29.23
N TYR A 70 -15.88 -27.58 -30.25
CA TYR A 70 -14.69 -28.40 -30.02
C TYR A 70 -13.74 -27.69 -29.06
N GLN A 71 -13.35 -28.38 -27.99
CA GLN A 71 -12.57 -27.76 -26.94
C GLN A 71 -11.72 -28.70 -26.12
N TYR A 72 -10.72 -28.10 -25.46
CA TYR A 72 -9.91 -28.73 -24.44
C TYR A 72 -10.80 -29.23 -23.31
N VAL A 73 -10.59 -30.48 -22.90
CA VAL A 73 -11.30 -31.07 -21.75
C VAL A 73 -10.36 -31.19 -20.54
N ASP A 74 -10.83 -30.69 -19.40
CA ASP A 74 -10.02 -30.61 -18.19
C ASP A 74 -9.70 -31.99 -17.60
N THR A 75 -8.43 -32.20 -17.30
CA THR A 75 -7.93 -33.49 -16.78
C THR A 75 -7.25 -33.36 -15.40
N LEU A 76 -7.30 -32.17 -14.80
CA LEU A 76 -6.62 -31.91 -13.53
C LEU A 76 -7.01 -32.93 -12.47
N TYR A 77 -8.31 -33.03 -12.19
CA TYR A 77 -8.83 -33.95 -11.16
C TYR A 77 -9.91 -34.85 -11.75
N PRO A 78 -9.51 -35.95 -12.40
CA PRO A 78 -10.49 -36.84 -13.02
C PRO A 78 -11.50 -37.41 -12.03
N GLY A 79 -12.78 -37.36 -12.38
CA GLY A 79 -13.85 -37.88 -11.53
C GLY A 79 -14.40 -36.90 -10.50
N PHE A 80 -13.71 -35.78 -10.33
CA PHE A 80 -14.03 -34.80 -9.29
C PHE A 80 -15.08 -33.85 -9.79
N GLU A 81 -16.18 -33.73 -9.05
CA GLU A 81 -17.32 -32.93 -9.50
C GLU A 81 -17.01 -31.44 -9.69
N GLY A 82 -16.10 -30.89 -8.90
CA GLY A 82 -15.74 -29.48 -8.97
C GLY A 82 -15.16 -29.05 -10.29
N THR A 83 -14.47 -29.98 -10.95
CA THR A 83 -13.97 -29.72 -12.29
C THR A 83 -14.95 -30.25 -13.34
N GLU A 84 -15.50 -31.44 -13.10
CA GLU A 84 -16.29 -32.11 -14.13
C GLU A 84 -17.58 -31.38 -14.43
N MET A 85 -18.12 -30.64 -13.48
CA MET A 85 -19.35 -29.92 -13.73
C MET A 85 -19.22 -28.86 -14.83
N TRP A 86 -17.98 -28.46 -15.18
CA TRP A 86 -17.74 -27.45 -16.22
C TRP A 86 -17.30 -28.07 -17.56
N ASN A 87 -17.04 -29.37 -17.54
CA ASN A 87 -16.64 -30.10 -18.72
C ASN A 87 -17.80 -30.30 -19.70
N PRO A 88 -17.49 -30.55 -20.97
CA PRO A 88 -18.56 -30.80 -21.96
C PRO A 88 -19.47 -31.95 -21.57
N ASN A 89 -20.78 -31.77 -21.73
CA ASN A 89 -21.76 -32.81 -21.43
C ASN A 89 -22.53 -33.28 -22.66
N ARG A 90 -22.06 -32.91 -23.84
CA ARG A 90 -22.51 -33.46 -25.10
C ARG A 90 -21.29 -33.68 -25.99
N GLU A 91 -21.49 -34.38 -27.11
CA GLU A 91 -20.41 -34.63 -28.05
C GLU A 91 -19.72 -33.35 -28.49
N LEU A 92 -18.40 -33.41 -28.65
CA LEU A 92 -17.63 -32.28 -29.18
C LEU A 92 -17.64 -32.34 -30.70
N SER A 93 -17.97 -31.22 -31.33
CA SER A 93 -17.94 -31.09 -32.77
C SER A 93 -17.72 -29.63 -33.12
N GLU A 94 -17.15 -29.39 -34.29
CA GLU A 94 -17.11 -28.06 -34.88
C GLU A 94 -18.47 -27.64 -35.42
N ASP A 95 -19.36 -28.60 -35.63
CA ASP A 95 -20.77 -28.33 -35.89
C ASP A 95 -21.47 -28.15 -34.56
N CYS A 96 -21.48 -26.91 -34.10
CA CYS A 96 -21.84 -26.59 -32.73
C CYS A 96 -22.64 -25.27 -32.51
N LEU A 97 -22.98 -24.58 -33.59
CA LEU A 97 -23.57 -23.25 -33.52
C LEU A 97 -25.09 -23.32 -33.39
N TYR A 98 -25.51 -23.62 -32.17
CA TYR A 98 -26.90 -23.83 -31.83
C TYR A 98 -27.23 -22.96 -30.61
N LEU A 99 -28.50 -22.60 -30.49
CA LEU A 99 -28.94 -21.85 -29.33
C LEU A 99 -30.16 -22.50 -28.70
N ASN A 100 -30.42 -22.14 -27.46
CA ASN A 100 -31.47 -22.73 -26.64
C ASN A 100 -32.37 -21.62 -26.13
N VAL A 101 -33.67 -21.89 -26.06
CA VAL A 101 -34.66 -20.95 -25.52
C VAL A 101 -35.53 -21.65 -24.46
N TRP A 102 -35.72 -21.01 -23.32
CA TRP A 102 -36.68 -21.43 -22.30
C TRP A 102 -37.68 -20.31 -22.13
N THR A 103 -38.94 -20.69 -21.96
CA THR A 103 -40.02 -19.73 -21.80
C THR A 103 -41.03 -20.40 -20.87
N PRO A 104 -41.91 -19.61 -20.23
CA PRO A 104 -43.07 -20.15 -19.53
C PRO A 104 -43.90 -21.14 -20.36
N TYR A 105 -44.66 -21.98 -19.68
CA TYR A 105 -45.62 -22.89 -20.30
C TYR A 105 -46.97 -22.63 -19.63
N PRO A 106 -47.98 -22.21 -20.41
CA PRO A 106 -47.92 -21.85 -21.83
C PRO A 106 -47.10 -20.56 -22.02
N ARG A 107 -46.70 -20.28 -23.26
CA ARG A 107 -45.86 -19.12 -23.55
C ARG A 107 -46.59 -17.86 -23.17
N PRO A 108 -45.85 -16.80 -22.80
CA PRO A 108 -46.50 -15.54 -22.39
C PRO A 108 -47.38 -14.89 -23.49
N ALA A 109 -48.51 -14.34 -23.07
CA ALA A 109 -49.43 -13.68 -24.00
C ALA A 109 -48.97 -12.26 -24.36
N SER A 110 -48.23 -11.62 -23.47
CA SER A 110 -47.72 -10.26 -23.67
C SER A 110 -46.19 -10.32 -23.81
N PRO A 111 -45.59 -9.38 -24.57
CA PRO A 111 -44.13 -9.44 -24.77
C PRO A 111 -43.34 -9.30 -23.47
N THR A 112 -42.41 -10.23 -23.28
CA THR A 112 -41.69 -10.44 -22.04
C THR A 112 -40.21 -10.10 -22.20
N PRO A 113 -39.62 -9.41 -21.23
CA PRO A 113 -38.18 -9.13 -21.27
C PRO A 113 -37.31 -10.39 -21.48
N VAL A 114 -36.27 -10.26 -22.30
CA VAL A 114 -35.42 -11.39 -22.68
C VAL A 114 -34.06 -11.28 -21.98
N LEU A 115 -33.59 -12.40 -21.43
CA LEU A 115 -32.23 -12.52 -20.88
C LEU A 115 -31.43 -13.42 -21.77
N ILE A 116 -30.26 -12.96 -22.22
CA ILE A 116 -29.37 -13.78 -23.03
C ILE A 116 -28.12 -14.07 -22.23
N TRP A 117 -27.85 -15.37 -22.03
CA TRP A 117 -26.68 -15.84 -21.30
C TRP A 117 -25.52 -16.13 -22.21
N ILE A 118 -24.36 -15.58 -21.89
CA ILE A 118 -23.13 -15.92 -22.57
C ILE A 118 -22.16 -16.59 -21.60
N TYR A 119 -21.86 -17.87 -21.84
CA TYR A 119 -20.98 -18.63 -20.94
C TYR A 119 -19.53 -18.17 -20.96
N GLY A 120 -18.83 -18.47 -19.86
CA GLY A 120 -17.39 -18.30 -19.73
C GLY A 120 -16.63 -19.61 -19.93
N GLY A 121 -15.35 -19.59 -19.57
CA GLY A 121 -14.39 -20.67 -19.84
C GLY A 121 -13.16 -20.18 -20.61
N GLY A 122 -12.76 -18.95 -20.36
CA GLY A 122 -11.49 -18.44 -20.84
C GLY A 122 -11.37 -18.28 -22.35
N PHE A 123 -12.51 -18.27 -23.04
CA PHE A 123 -12.57 -18.29 -24.50
C PHE A 123 -11.99 -19.58 -25.12
N TYR A 124 -11.71 -20.59 -24.27
CA TYR A 124 -11.20 -21.90 -24.72
C TYR A 124 -12.18 -23.05 -24.38
N SER A 125 -13.26 -22.75 -23.66
CA SER A 125 -14.14 -23.79 -23.19
C SER A 125 -15.53 -23.28 -22.88
N GLY A 126 -16.42 -24.21 -22.57
CA GLY A 126 -17.77 -23.85 -22.13
C GLY A 126 -18.83 -24.38 -23.09
N ALA A 127 -20.06 -24.35 -22.62
CA ALA A 127 -21.23 -24.83 -23.35
C ALA A 127 -22.46 -24.23 -22.72
N ALA A 128 -23.45 -23.90 -23.54
CA ALA A 128 -24.74 -23.46 -23.04
C ALA A 128 -25.56 -24.60 -22.45
N SER A 129 -25.13 -25.85 -22.63
CA SER A 129 -25.89 -27.03 -22.18
C SER A 129 -25.55 -27.51 -20.78
N LEU A 130 -24.60 -26.86 -20.10
CA LEU A 130 -24.20 -27.31 -18.76
C LEU A 130 -25.36 -27.12 -17.80
N ASP A 131 -25.41 -27.97 -16.79
CA ASP A 131 -26.52 -27.96 -15.84
C ASP A 131 -26.69 -26.64 -15.09
N VAL A 132 -25.59 -25.97 -14.77
CA VAL A 132 -25.68 -24.72 -13.98
C VAL A 132 -26.24 -23.56 -14.79
N TYR A 133 -26.40 -23.74 -16.10
CA TYR A 133 -26.96 -22.72 -16.99
C TYR A 133 -28.41 -23.05 -17.38
N ASP A 134 -29.05 -23.91 -16.59
CA ASP A 134 -30.39 -24.40 -16.85
C ASP A 134 -31.42 -23.28 -16.66
N GLY A 135 -32.03 -22.83 -17.77
CA GLY A 135 -32.97 -21.72 -17.75
C GLY A 135 -34.38 -21.99 -17.23
N ARG A 136 -34.66 -23.20 -16.75
CA ARG A 136 -36.03 -23.55 -16.39
C ARG A 136 -36.58 -22.81 -15.17
N PHE A 137 -35.70 -22.44 -14.23
CA PHE A 137 -36.16 -21.82 -12.99
C PHE A 137 -36.44 -20.36 -13.21
N LEU A 138 -35.55 -19.66 -13.90
CA LEU A 138 -35.84 -18.27 -14.27
C LEU A 138 -37.13 -18.18 -15.10
N ALA A 139 -37.28 -19.04 -16.11
CA ALA A 139 -38.50 -19.12 -16.92
C ALA A 139 -39.75 -19.34 -16.07
N GLN A 140 -39.74 -20.39 -15.25
CA GLN A 140 -40.90 -20.74 -14.46
C GLN A 140 -41.20 -19.69 -13.40
N VAL A 141 -40.21 -19.35 -12.59
CA VAL A 141 -40.47 -18.53 -11.41
C VAL A 141 -40.59 -17.03 -11.75
N GLU A 142 -39.72 -16.52 -12.61
CA GLU A 142 -39.76 -15.10 -12.96
C GLU A 142 -40.55 -14.79 -14.24
N GLY A 143 -40.93 -15.83 -14.98
CA GLY A 143 -41.70 -15.65 -16.21
C GLY A 143 -40.81 -15.19 -17.35
N ALA A 144 -39.51 -15.41 -17.23
CA ALA A 144 -38.53 -14.88 -18.18
C ALA A 144 -38.43 -15.71 -19.46
N VAL A 145 -38.04 -15.04 -20.56
CA VAL A 145 -37.59 -15.74 -21.75
C VAL A 145 -36.06 -15.77 -21.68
N LEU A 146 -35.46 -16.95 -21.54
CA LEU A 146 -34.02 -17.07 -21.48
C LEU A 146 -33.43 -17.72 -22.72
N VAL A 147 -32.39 -17.10 -23.27
CA VAL A 147 -31.69 -17.60 -24.45
C VAL A 147 -30.23 -17.81 -24.11
N SER A 148 -29.66 -18.93 -24.53
CA SER A 148 -28.23 -19.18 -24.36
C SER A 148 -27.72 -19.77 -25.67
N MET A 149 -26.61 -19.25 -26.19
CA MET A 149 -26.01 -19.77 -27.41
C MET A 149 -24.64 -20.40 -27.21
N ASN A 150 -24.33 -21.37 -28.06
CA ASN A 150 -22.97 -21.86 -28.22
C ASN A 150 -22.22 -20.89 -29.12
N TYR A 151 -20.95 -20.67 -28.80
CA TYR A 151 -20.08 -19.88 -29.63
C TYR A 151 -18.75 -20.58 -29.70
N ARG A 152 -18.04 -20.42 -30.81
CA ARG A 152 -16.76 -21.11 -30.99
C ARG A 152 -15.69 -20.56 -30.05
N VAL A 153 -14.90 -21.50 -29.52
CA VAL A 153 -13.86 -21.21 -28.55
C VAL A 153 -12.54 -21.77 -29.04
N GLY A 154 -11.46 -21.35 -28.36
CA GLY A 154 -10.14 -21.85 -28.69
C GLY A 154 -9.71 -21.33 -30.05
N THR A 155 -8.89 -22.12 -30.75
CA THR A 155 -8.45 -21.74 -32.07
C THR A 155 -9.62 -21.50 -33.04
N PHE A 156 -10.63 -22.34 -32.93
CA PHE A 156 -11.78 -22.31 -33.82
C PHE A 156 -12.51 -20.98 -33.71
N GLY A 157 -12.57 -20.42 -32.50
CA GLY A 157 -13.27 -19.17 -32.28
C GLY A 157 -12.38 -17.96 -32.43
N PHE A 158 -11.09 -18.10 -32.10
CA PHE A 158 -10.27 -16.92 -31.86
C PHE A 158 -8.89 -16.85 -32.51
N LEU A 159 -8.50 -17.87 -33.27
CA LEU A 159 -7.21 -17.86 -33.93
C LEU A 159 -7.31 -16.85 -35.04
N ALA A 160 -6.34 -15.95 -35.10
CA ALA A 160 -6.41 -14.80 -36.00
C ALA A 160 -5.07 -14.54 -36.68
N LEU A 161 -5.11 -14.30 -37.99
CA LEU A 161 -4.02 -13.66 -38.71
C LEU A 161 -4.58 -12.31 -39.14
N PRO A 162 -4.38 -11.27 -38.30
CA PRO A 162 -5.06 -9.99 -38.53
C PRO A 162 -4.76 -9.33 -39.86
N GLY A 163 -5.79 -8.81 -40.51
CA GLY A 163 -5.67 -8.29 -41.86
C GLY A 163 -6.00 -9.32 -42.94
N SER A 164 -5.99 -10.61 -42.59
CA SER A 164 -6.35 -11.65 -43.55
C SER A 164 -7.85 -11.66 -43.79
N ARG A 165 -8.23 -12.23 -44.93
CA ARG A 165 -9.63 -12.44 -45.26
C ARG A 165 -10.10 -13.76 -44.64
N GLU A 166 -9.19 -14.72 -44.59
CA GLU A 166 -9.54 -16.10 -44.31
C GLU A 166 -9.59 -16.43 -42.81
N ALA A 167 -8.86 -15.66 -41.99
CA ALA A 167 -8.88 -15.81 -40.54
C ALA A 167 -8.74 -14.44 -39.87
N PRO A 168 -9.82 -13.66 -39.86
CA PRO A 168 -9.75 -12.25 -39.46
C PRO A 168 -9.79 -12.03 -37.96
N GLY A 169 -10.12 -13.07 -37.19
CA GLY A 169 -10.17 -12.95 -35.75
C GLY A 169 -11.56 -12.62 -35.23
N ASN A 170 -11.77 -12.88 -33.93
CA ASN A 170 -13.02 -12.51 -33.25
C ASN A 170 -14.30 -13.22 -33.74
N VAL A 171 -14.17 -14.29 -34.52
CA VAL A 171 -15.34 -14.94 -35.12
C VAL A 171 -16.24 -15.60 -34.04
N GLY A 172 -15.67 -16.01 -32.91
CA GLY A 172 -16.50 -16.48 -31.78
C GLY A 172 -17.43 -15.38 -31.24
N LEU A 173 -16.95 -14.14 -31.27
CA LEU A 173 -17.78 -12.96 -30.92
C LEU A 173 -18.86 -12.67 -31.98
N LEU A 174 -18.50 -12.89 -33.23
CA LEU A 174 -19.44 -12.77 -34.33
C LEU A 174 -20.51 -13.86 -34.19
N ASP A 175 -20.13 -15.06 -33.74
CA ASP A 175 -21.11 -16.13 -33.51
C ASP A 175 -22.14 -15.62 -32.49
N GLN A 176 -21.65 -15.04 -31.41
CA GLN A 176 -22.52 -14.43 -30.42
C GLN A 176 -23.38 -13.35 -31.04
N ARG A 177 -22.76 -12.46 -31.82
CA ARG A 177 -23.53 -11.38 -32.43
C ARG A 177 -24.69 -11.91 -33.29
N LEU A 178 -24.44 -12.96 -34.07
CA LEU A 178 -25.46 -13.56 -34.95
C LEU A 178 -26.63 -14.08 -34.13
N ALA A 179 -26.33 -14.70 -32.98
CA ALA A 179 -27.36 -15.15 -32.05
C ALA A 179 -28.20 -13.98 -31.54
N LEU A 180 -27.56 -12.82 -31.30
CA LEU A 180 -28.30 -11.64 -30.86
C LEU A 180 -29.21 -11.11 -31.96
N GLN A 181 -28.72 -11.20 -33.20
CA GLN A 181 -29.48 -10.84 -34.39
C GLN A 181 -30.68 -11.79 -34.56
N TRP A 182 -30.44 -13.08 -34.33
CA TRP A 182 -31.48 -14.09 -34.34
C TRP A 182 -32.58 -13.78 -33.32
N VAL A 183 -32.19 -13.38 -32.12
CA VAL A 183 -33.18 -12.98 -31.10
C VAL A 183 -34.03 -11.81 -31.62
N GLN A 184 -33.39 -10.77 -32.14
CA GLN A 184 -34.13 -9.61 -32.65
C GLN A 184 -35.19 -10.05 -33.65
N GLU A 185 -34.80 -10.92 -34.59
CA GLU A 185 -35.74 -11.36 -35.61
C GLU A 185 -36.78 -12.36 -35.13
N ASN A 186 -36.43 -13.25 -34.21
CA ASN A 186 -37.27 -14.43 -33.94
C ASN A 186 -37.88 -14.55 -32.55
N ILE A 187 -37.38 -13.81 -31.56
CA ILE A 187 -37.80 -14.06 -30.18
C ILE A 187 -39.28 -13.72 -29.92
N ALA A 188 -39.86 -12.83 -30.70
CA ALA A 188 -41.29 -12.51 -30.58
C ALA A 188 -42.18 -13.73 -30.82
N ALA A 189 -41.70 -14.69 -31.61
CA ALA A 189 -42.44 -15.93 -31.86
C ALA A 189 -42.60 -16.77 -30.59
N PHE A 190 -41.71 -16.59 -29.62
CA PHE A 190 -41.76 -17.28 -28.33
C PHE A 190 -42.40 -16.42 -27.25
N GLY A 191 -42.81 -15.21 -27.60
CA GLY A 191 -43.42 -14.30 -26.63
C GLY A 191 -42.42 -13.37 -25.97
N GLY A 192 -41.19 -13.35 -26.48
CA GLY A 192 -40.17 -12.41 -25.96
C GLY A 192 -40.26 -11.03 -26.58
N ASP A 193 -39.80 -10.02 -25.86
CA ASP A 193 -39.83 -8.61 -26.29
C ASP A 193 -38.48 -8.22 -26.89
N PRO A 194 -38.39 -8.14 -28.22
CA PRO A 194 -37.06 -7.79 -28.77
C PRO A 194 -36.59 -6.36 -28.39
N MET A 195 -37.49 -5.53 -27.88
CA MET A 195 -37.13 -4.18 -27.44
C MET A 195 -36.75 -4.14 -25.95
N SER A 196 -36.64 -5.31 -25.32
CA SER A 196 -36.07 -5.43 -23.98
C SER A 196 -35.21 -6.71 -23.87
N VAL A 197 -33.94 -6.58 -24.26
CA VAL A 197 -32.97 -7.65 -24.25
C VAL A 197 -31.82 -7.26 -23.34
N THR A 198 -31.57 -8.08 -22.33
CA THR A 198 -30.48 -7.87 -21.38
C THR A 198 -29.46 -9.01 -21.58
N LEU A 199 -28.20 -8.67 -21.85
CA LEU A 199 -27.14 -9.66 -21.91
C LEU A 199 -26.60 -9.92 -20.51
N PHE A 200 -26.31 -11.17 -20.18
CA PHE A 200 -25.53 -11.48 -18.98
C PHE A 200 -24.58 -12.63 -19.21
N GLY A 201 -23.47 -12.63 -18.48
CA GLY A 201 -22.48 -13.69 -18.63
C GLY A 201 -21.43 -13.59 -17.54
N GLU A 202 -20.63 -14.66 -17.43
CA GLU A 202 -19.62 -14.76 -16.39
C GLU A 202 -18.25 -15.06 -16.97
N SER A 203 -17.24 -14.46 -16.34
CA SER A 203 -15.85 -14.67 -16.71
C SER A 203 -15.68 -14.22 -18.16
N ALA A 204 -15.24 -15.10 -19.05
CA ALA A 204 -15.13 -14.75 -20.50
C ALA A 204 -16.47 -14.31 -21.10
N GLY A 205 -17.57 -14.88 -20.58
CA GLY A 205 -18.90 -14.49 -21.00
C GLY A 205 -19.16 -13.02 -20.69
N ALA A 206 -18.74 -12.60 -19.49
CA ALA A 206 -18.83 -11.18 -19.06
C ALA A 206 -17.94 -10.29 -19.92
N ALA A 207 -16.72 -10.76 -20.19
CA ALA A 207 -15.84 -9.99 -21.09
C ALA A 207 -16.53 -9.78 -22.43
N SER A 208 -17.18 -10.84 -22.92
CA SER A 208 -17.93 -10.83 -24.19
C SER A 208 -19.05 -9.77 -24.18
N VAL A 209 -19.86 -9.77 -23.13
CA VAL A 209 -20.92 -8.74 -22.95
C VAL A 209 -20.32 -7.35 -23.07
N GLY A 210 -19.18 -7.14 -22.40
CA GLY A 210 -18.49 -5.84 -22.42
C GLY A 210 -18.03 -5.45 -23.82
N MET A 211 -17.53 -6.41 -24.57
CA MET A 211 -17.17 -6.14 -25.97
C MET A 211 -18.36 -5.84 -26.88
N HIS A 212 -19.53 -6.40 -26.57
CA HIS A 212 -20.74 -5.98 -27.31
C HIS A 212 -21.12 -4.55 -27.00
N ILE A 213 -20.94 -4.14 -25.75
CA ILE A 213 -21.12 -2.74 -25.37
C ILE A 213 -20.17 -1.83 -26.13
N LEU A 214 -18.95 -2.30 -26.38
CA LEU A 214 -17.93 -1.45 -26.97
C LEU A 214 -17.90 -1.53 -28.49
N SER A 215 -18.71 -2.39 -29.09
CA SER A 215 -18.75 -2.57 -30.54
C SER A 215 -20.09 -2.12 -31.11
N LEU A 216 -20.07 -1.12 -31.98
CA LEU A 216 -21.27 -0.39 -32.38
C LEU A 216 -22.37 -1.26 -33.04
N PRO A 217 -22.00 -2.12 -34.00
CA PRO A 217 -23.02 -3.00 -34.58
C PRO A 217 -23.77 -3.88 -33.57
N SER A 218 -23.16 -4.22 -32.44
CA SER A 218 -23.83 -5.03 -31.43
C SER A 218 -24.79 -4.20 -30.60
N ARG A 219 -24.53 -2.91 -30.51
CA ARG A 219 -25.20 -2.04 -29.55
C ARG A 219 -26.68 -1.82 -29.90
N SER A 220 -27.03 -1.99 -31.17
CA SER A 220 -28.42 -1.95 -31.59
C SER A 220 -29.20 -3.22 -31.25
N LEU A 221 -28.53 -4.23 -30.66
CA LEU A 221 -29.12 -5.57 -30.49
C LEU A 221 -29.45 -5.91 -29.05
N PHE A 222 -29.25 -4.95 -28.14
CA PHE A 222 -29.64 -5.11 -26.73
C PHE A 222 -29.71 -3.78 -26.03
N HIS A 223 -30.26 -3.77 -24.82
CA HIS A 223 -30.54 -2.51 -24.12
C HIS A 223 -29.82 -2.37 -22.77
N ARG A 224 -29.54 -3.49 -22.11
CA ARG A 224 -28.90 -3.51 -20.79
C ARG A 224 -27.94 -4.71 -20.70
N ALA A 225 -27.00 -4.67 -19.75
CA ALA A 225 -25.95 -5.71 -19.63
C ALA A 225 -25.59 -6.04 -18.19
N VAL A 226 -25.23 -7.30 -17.94
CA VAL A 226 -24.73 -7.74 -16.65
C VAL A 226 -23.38 -8.44 -16.81
N LEU A 227 -22.34 -7.93 -16.16
CA LEU A 227 -21.00 -8.54 -16.22
C LEU A 227 -20.61 -9.14 -14.88
N GLN A 228 -20.51 -10.47 -14.84
CA GLN A 228 -20.25 -11.20 -13.61
C GLN A 228 -18.81 -11.70 -13.61
N SER A 229 -17.97 -11.17 -12.73
CA SER A 229 -16.58 -11.63 -12.61
C SER A 229 -15.83 -11.63 -13.92
N GLY A 230 -16.00 -10.58 -14.73
CA GLY A 230 -15.22 -10.46 -15.96
C GLY A 230 -15.47 -9.15 -16.66
N THR A 231 -14.52 -8.76 -17.53
CA THR A 231 -14.53 -7.42 -18.15
C THR A 231 -13.79 -7.43 -19.49
N PRO A 232 -14.13 -6.49 -20.39
CA PRO A 232 -13.43 -6.44 -21.69
C PRO A 232 -12.00 -5.91 -21.50
N ASN A 233 -11.83 -4.97 -20.58
CA ASN A 233 -10.51 -4.48 -20.18
C ASN A 233 -9.81 -5.52 -19.30
N GLY A 234 -8.51 -5.32 -19.09
CA GLY A 234 -7.75 -6.22 -18.25
C GLY A 234 -6.75 -7.09 -18.99
N PRO A 235 -5.98 -7.88 -18.21
CA PRO A 235 -4.79 -8.53 -18.72
C PRO A 235 -5.04 -9.76 -19.59
N TRP A 236 -6.25 -10.31 -19.58
CA TRP A 236 -6.49 -11.64 -20.20
C TRP A 236 -7.51 -11.68 -21.34
N ALA A 237 -8.41 -10.68 -21.42
CA ALA A 237 -9.58 -10.76 -22.31
C ALA A 237 -9.28 -10.45 -23.78
N THR A 238 -8.21 -9.69 -24.04
CA THR A 238 -7.85 -9.32 -25.42
C THR A 238 -6.36 -9.49 -25.63
N VAL A 239 -5.94 -9.59 -26.90
CA VAL A 239 -4.54 -9.51 -27.26
C VAL A 239 -4.40 -8.51 -28.40
N SER A 240 -3.21 -7.95 -28.54
CA SER A 240 -2.93 -7.08 -29.67
C SER A 240 -2.95 -7.87 -30.97
N ALA A 241 -3.10 -7.16 -32.07
CA ALA A 241 -3.01 -7.77 -33.38
C ALA A 241 -1.70 -8.58 -33.53
N GLY A 242 -0.59 -7.98 -33.10
CA GLY A 242 0.74 -8.60 -33.27
C GLY A 242 0.91 -9.87 -32.46
N GLU A 243 0.37 -9.90 -31.24
CA GLU A 243 0.47 -11.09 -30.40
C GLU A 243 -0.42 -12.22 -30.93
N ALA A 244 -1.63 -11.89 -31.38
CA ALA A 244 -2.52 -12.88 -32.00
C ALA A 244 -1.82 -13.58 -33.19
N ARG A 245 -1.15 -12.78 -34.02
CA ARG A 245 -0.45 -13.32 -35.18
C ARG A 245 0.71 -14.23 -34.80
N ARG A 246 1.41 -13.84 -33.76
CA ARG A 246 2.55 -14.57 -33.23
C ARG A 246 2.08 -15.94 -32.73
N ARG A 247 1.00 -15.95 -31.95
CA ARG A 247 0.39 -17.18 -31.44
C ARG A 247 -0.21 -18.04 -32.54
N ALA A 248 -0.92 -17.41 -33.47
CA ALA A 248 -1.47 -18.14 -34.61
C ALA A 248 -0.34 -18.85 -35.35
N THR A 249 0.76 -18.14 -35.57
CA THR A 249 1.87 -18.62 -36.41
C THR A 249 2.67 -19.75 -35.76
N LEU A 250 2.87 -19.67 -34.46
CA LEU A 250 3.55 -20.70 -33.69
C LEU A 250 2.70 -21.98 -33.65
N LEU A 251 1.41 -21.83 -33.38
CA LEU A 251 0.51 -22.97 -33.41
C LEU A 251 0.65 -23.70 -34.73
N ALA A 252 0.52 -22.94 -35.82
CA ALA A 252 0.70 -23.50 -37.17
C ALA A 252 1.94 -24.35 -37.22
N ARG A 253 3.08 -23.82 -36.75
CA ARG A 253 4.34 -24.59 -36.75
C ARG A 253 4.24 -25.92 -35.99
N LEU A 254 3.72 -25.85 -34.78
CA LEU A 254 3.59 -27.00 -33.88
C LEU A 254 2.72 -28.14 -34.42
N VAL A 255 1.81 -27.84 -35.35
CA VAL A 255 0.99 -28.86 -36.02
C VAL A 255 1.45 -29.13 -37.46
N GLY A 256 2.59 -28.60 -37.86
CA GLY A 256 3.18 -28.94 -39.15
C GLY A 256 2.68 -28.12 -40.32
N CYS A 257 2.28 -26.88 -40.05
CA CYS A 257 1.86 -25.94 -41.09
C CYS A 257 2.80 -24.74 -41.06
N PRO A 258 3.91 -24.81 -41.77
CA PRO A 258 4.82 -23.66 -41.77
C PRO A 258 4.12 -22.36 -42.22
N ASN A 265 2.88 -15.98 -46.60
CA ASN A 265 1.57 -16.00 -47.25
C ASN A 265 0.53 -16.53 -46.26
N ASP A 266 -0.48 -15.71 -45.97
CA ASP A 266 -1.49 -16.08 -44.99
C ASP A 266 -2.45 -17.13 -45.52
N THR A 267 -2.82 -17.02 -46.80
CA THR A 267 -3.78 -17.93 -47.43
C THR A 267 -3.30 -19.38 -47.33
N GLU A 268 -2.01 -19.59 -47.58
CA GLU A 268 -1.38 -20.91 -47.47
C GLU A 268 -1.38 -21.44 -46.04
N LEU A 269 -0.93 -20.62 -45.09
CA LEU A 269 -0.86 -21.04 -43.69
C LEU A 269 -2.25 -21.47 -43.26
N ILE A 270 -3.25 -20.63 -43.55
CA ILE A 270 -4.61 -20.88 -43.10
C ILE A 270 -5.21 -22.10 -43.82
N ALA A 271 -4.95 -22.21 -45.12
CA ALA A 271 -5.38 -23.39 -45.88
C ALA A 271 -4.83 -24.67 -45.26
N CYS A 272 -3.58 -24.63 -44.81
CA CYS A 272 -2.98 -25.78 -44.15
C CYS A 272 -3.59 -26.04 -42.76
N LEU A 273 -3.88 -25.00 -41.98
CA LEU A 273 -4.52 -25.24 -40.67
C LEU A 273 -5.91 -25.88 -40.84
N ARG A 274 -6.62 -25.52 -41.90
CA ARG A 274 -7.95 -26.07 -42.15
C ARG A 274 -7.93 -27.56 -42.47
N THR A 275 -6.77 -28.11 -42.82
CA THR A 275 -6.66 -29.54 -43.10
C THR A 275 -6.38 -30.38 -41.86
N ARG A 276 -6.11 -29.74 -40.71
CA ARG A 276 -5.69 -30.45 -39.52
C ARG A 276 -6.87 -30.94 -38.69
N PRO A 277 -6.76 -32.15 -38.10
CA PRO A 277 -7.80 -32.62 -37.19
C PRO A 277 -8.06 -31.64 -36.06
N ALA A 278 -9.31 -31.42 -35.72
CA ALA A 278 -9.65 -30.49 -34.64
C ALA A 278 -8.88 -30.82 -33.36
N GLN A 279 -8.69 -32.09 -33.05
CA GLN A 279 -8.01 -32.50 -31.82
C GLN A 279 -6.52 -32.14 -31.84
N ASP A 280 -5.90 -32.20 -33.01
CA ASP A 280 -4.51 -31.77 -33.16
C ASP A 280 -4.33 -30.29 -32.76
N LEU A 281 -5.30 -29.44 -33.11
CA LEU A 281 -5.27 -28.03 -32.71
C LEU A 281 -5.43 -27.90 -31.20
N VAL A 282 -6.39 -28.60 -30.63
CA VAL A 282 -6.63 -28.54 -29.18
C VAL A 282 -5.38 -29.05 -28.41
N ASP A 283 -4.77 -30.11 -28.91
CA ASP A 283 -3.60 -30.73 -28.26
C ASP A 283 -2.39 -29.78 -28.13
N HIS A 284 -2.27 -28.81 -29.03
CA HIS A 284 -1.14 -27.87 -28.96
C HIS A 284 -1.48 -26.46 -28.50
N GLU A 285 -2.75 -26.22 -28.20
CA GLU A 285 -3.25 -24.88 -27.98
C GLU A 285 -2.55 -24.14 -26.83
N TRP A 286 -2.22 -24.86 -25.76
CA TRP A 286 -1.61 -24.24 -24.59
C TRP A 286 -0.13 -23.92 -24.78
N HIS A 287 0.52 -24.57 -25.74
CA HIS A 287 1.95 -24.38 -25.97
C HIS A 287 2.38 -23.01 -26.51
N VAL A 288 1.44 -22.14 -26.85
CA VAL A 288 1.77 -20.88 -27.53
C VAL A 288 1.81 -19.66 -26.61
N LEU A 289 1.42 -19.85 -25.35
CA LEU A 289 1.51 -18.77 -24.37
C LEU A 289 2.95 -18.39 -24.13
N PRO A 290 3.23 -17.08 -24.01
CA PRO A 290 4.61 -16.62 -23.90
C PRO A 290 5.33 -16.93 -22.58
N GLN A 291 4.57 -17.21 -21.52
CA GLN A 291 5.09 -17.39 -20.15
C GLN A 291 4.43 -18.58 -19.44
N GLU A 292 5.09 -19.11 -18.42
CA GLU A 292 4.44 -20.03 -17.49
C GLU A 292 3.43 -19.15 -16.77
N SER A 293 2.15 -19.52 -16.82
CA SER A 293 1.10 -18.64 -16.28
C SER A 293 -0.13 -19.36 -15.75
N ILE A 294 -0.97 -18.61 -15.03
CA ILE A 294 -2.36 -18.94 -14.79
C ILE A 294 -3.23 -17.73 -15.16
N PHE A 295 -4.52 -18.00 -15.36
CA PHE A 295 -5.50 -17.01 -15.80
C PHE A 295 -5.03 -16.35 -17.12
N ARG A 296 -4.43 -17.14 -18.02
CA ARG A 296 -4.11 -16.68 -19.36
C ARG A 296 -4.49 -17.73 -20.38
N PHE A 297 -5.05 -17.29 -21.51
CA PHE A 297 -5.61 -18.19 -22.51
C PHE A 297 -5.09 -17.81 -23.90
N SER A 298 -4.81 -18.84 -24.71
CA SER A 298 -4.02 -18.69 -25.93
C SER A 298 -4.78 -17.87 -26.98
N PHE A 299 -6.00 -18.29 -27.28
CA PHE A 299 -6.82 -17.68 -28.32
C PHE A 299 -8.05 -16.93 -27.75
N VAL A 300 -7.98 -15.60 -27.80
CA VAL A 300 -8.97 -14.69 -27.24
C VAL A 300 -9.24 -13.53 -28.23
N PRO A 301 -10.26 -12.70 -27.96
CA PRO A 301 -10.50 -11.50 -28.76
C PRO A 301 -9.26 -10.68 -29.05
N VAL A 302 -9.19 -10.19 -30.29
CA VAL A 302 -8.05 -9.45 -30.76
C VAL A 302 -8.52 -8.00 -31.01
N VAL A 303 -7.66 -7.04 -30.71
CA VAL A 303 -7.92 -5.66 -31.11
C VAL A 303 -7.58 -5.57 -32.59
N ASP A 304 -8.62 -5.69 -33.42
CA ASP A 304 -8.49 -5.79 -34.88
C ASP A 304 -8.72 -4.49 -35.63
N GLY A 305 -9.23 -3.47 -34.94
CA GLY A 305 -9.61 -2.21 -35.63
C GLY A 305 -10.96 -2.30 -36.33
N ASP A 306 -11.71 -3.36 -36.05
CA ASP A 306 -12.97 -3.65 -36.72
C ASP A 306 -14.04 -3.94 -35.65
N PHE A 307 -14.15 -5.18 -35.16
CA PHE A 307 -15.04 -5.47 -34.03
C PHE A 307 -14.67 -4.56 -32.86
N LEU A 308 -13.38 -4.54 -32.57
CA LEU A 308 -12.81 -3.64 -31.58
C LEU A 308 -12.00 -2.60 -32.34
N SER A 309 -12.52 -1.39 -32.42
CA SER A 309 -11.88 -0.34 -33.19
C SER A 309 -10.65 0.22 -32.47
N ASP A 310 -10.60 0.07 -31.16
CA ASP A 310 -9.43 0.42 -30.37
C ASP A 310 -9.40 -0.52 -29.15
N THR A 311 -8.41 -0.35 -28.28
CA THR A 311 -8.29 -1.19 -27.10
C THR A 311 -9.51 -0.96 -26.21
N PRO A 312 -10.01 -2.02 -25.54
CA PRO A 312 -11.09 -1.79 -24.57
C PRO A 312 -10.81 -0.60 -23.63
N GLU A 313 -9.56 -0.48 -23.19
CA GLU A 313 -9.11 0.67 -22.37
C GLU A 313 -9.43 2.01 -23.02
N ALA A 314 -9.04 2.19 -24.27
CA ALA A 314 -9.30 3.46 -24.96
C ALA A 314 -10.78 3.67 -25.11
N LEU A 315 -11.52 2.61 -25.39
CA LEU A 315 -12.96 2.71 -25.63
C LEU A 315 -13.77 3.00 -24.36
N ILE A 316 -13.41 2.40 -23.22
CA ILE A 316 -14.08 2.76 -21.95
C ILE A 316 -13.75 4.20 -21.51
N ASN A 317 -12.57 4.71 -21.86
CA ASN A 317 -12.17 6.08 -21.44
C ASN A 317 -12.81 7.19 -22.26
N THR A 318 -13.13 6.93 -23.52
CA THR A 318 -13.64 7.96 -24.43
C THR A 318 -15.09 7.71 -24.90
N GLY A 319 -15.70 6.61 -24.47
CA GLY A 319 -17.07 6.30 -24.90
C GLY A 319 -18.10 7.21 -24.23
N ASP A 320 -19.23 7.42 -24.92
CA ASP A 320 -20.40 8.08 -24.33
C ASP A 320 -21.39 6.96 -23.99
N PHE A 321 -21.66 6.74 -22.70
CA PHE A 321 -22.53 5.64 -22.25
C PHE A 321 -23.76 6.14 -21.50
N GLN A 322 -24.25 7.32 -21.90
CA GLN A 322 -25.42 7.94 -21.29
C GLN A 322 -26.64 7.02 -21.34
N ASP A 323 -26.79 6.28 -22.42
CA ASP A 323 -27.98 5.44 -22.58
C ASP A 323 -27.80 3.98 -22.08
N LEU A 324 -26.89 3.76 -21.14
CA LEU A 324 -26.56 2.39 -20.73
C LEU A 324 -26.83 2.17 -19.25
N GLN A 325 -27.50 1.06 -18.94
CA GLN A 325 -27.57 0.58 -17.58
C GLN A 325 -26.83 -0.78 -17.49
N VAL A 326 -26.05 -0.94 -16.42
CA VAL A 326 -25.15 -2.10 -16.27
C VAL A 326 -25.15 -2.58 -14.82
N LEU A 327 -25.10 -3.90 -14.66
CA LEU A 327 -24.94 -4.51 -13.37
C LEU A 327 -23.62 -5.25 -13.45
N VAL A 328 -22.73 -4.99 -12.49
CA VAL A 328 -21.41 -5.61 -12.51
C VAL A 328 -21.07 -6.09 -11.12
N GLY A 329 -20.23 -7.12 -11.02
CA GLY A 329 -19.76 -7.55 -9.69
C GLY A 329 -18.79 -8.69 -9.71
N VAL A 330 -18.42 -9.14 -8.51
CA VAL A 330 -17.36 -10.12 -8.30
C VAL A 330 -17.77 -11.09 -7.19
N VAL A 331 -17.09 -12.23 -7.10
CA VAL A 331 -17.24 -13.13 -5.92
C VAL A 331 -16.14 -12.86 -4.89
N LYS A 332 -16.30 -13.41 -3.70
CA LYS A 332 -15.38 -13.13 -2.60
C LYS A 332 -13.95 -13.61 -2.87
N ASP A 333 -13.80 -14.78 -3.50
CA ASP A 333 -12.46 -15.35 -3.73
C ASP A 333 -12.17 -15.66 -5.20
N GLU A 334 -11.99 -14.59 -5.98
CA GLU A 334 -11.83 -14.74 -7.43
C GLU A 334 -10.61 -15.59 -7.85
N GLY A 335 -9.53 -15.53 -7.09
CA GLY A 335 -8.28 -16.16 -7.50
C GLY A 335 -8.05 -17.63 -7.15
N SER A 336 -8.74 -18.14 -6.14
CA SER A 336 -8.39 -19.47 -5.58
C SER A 336 -8.50 -20.64 -6.58
N TYR A 337 -9.58 -20.66 -7.36
CA TYR A 337 -9.79 -21.68 -8.43
C TYR A 337 -8.55 -21.88 -9.30
N PHE A 338 -7.93 -20.78 -9.67
CA PHE A 338 -6.84 -20.80 -10.64
C PHE A 338 -5.50 -21.30 -10.08
N LEU A 339 -5.34 -21.26 -8.75
CA LEU A 339 -4.07 -21.60 -8.12
C LEU A 339 -3.68 -23.07 -8.28
N VAL A 340 -4.68 -23.96 -8.26
CA VAL A 340 -4.44 -25.40 -8.38
C VAL A 340 -4.05 -25.82 -9.81
N TYR A 341 -4.17 -24.90 -10.77
CA TYR A 341 -3.84 -25.18 -12.18
C TYR A 341 -2.45 -24.75 -12.57
N GLY A 342 -1.54 -24.56 -11.61
CA GLY A 342 -0.19 -24.19 -11.99
C GLY A 342 0.71 -23.48 -11.00
N VAL A 343 0.22 -23.14 -9.80
CA VAL A 343 1.13 -22.61 -8.80
C VAL A 343 1.63 -23.76 -7.91
N PRO A 344 2.93 -24.07 -7.99
CA PRO A 344 3.38 -25.14 -7.12
C PRO A 344 3.07 -24.84 -5.66
N GLY A 345 2.53 -25.84 -4.97
CA GLY A 345 2.20 -25.74 -3.57
C GLY A 345 0.72 -25.81 -3.31
N PHE A 346 -0.09 -25.56 -4.35
CA PHE A 346 -1.54 -25.51 -4.21
C PHE A 346 -2.24 -26.79 -4.69
N SER A 347 -3.20 -27.24 -3.90
CA SER A 347 -3.95 -28.48 -4.18
C SER A 347 -5.32 -28.42 -3.56
N LYS A 348 -6.26 -29.12 -4.20
CA LYS A 348 -7.59 -29.27 -3.63
C LYS A 348 -7.57 -30.25 -2.45
N ASP A 349 -6.53 -31.07 -2.37
CA ASP A 349 -6.48 -32.22 -1.45
C ASP A 349 -5.72 -31.96 -0.15
N ASN A 350 -5.20 -30.75 0.02
CA ASN A 350 -4.69 -30.30 1.31
C ASN A 350 -4.96 -28.80 1.51
N GLU A 351 -4.52 -28.25 2.65
CA GLU A 351 -4.77 -26.85 2.97
C GLU A 351 -3.90 -25.87 2.19
N SER A 352 -2.93 -26.37 1.40
CA SER A 352 -2.15 -25.52 0.50
C SER A 352 -1.43 -24.43 1.28
N LEU A 353 -0.94 -24.78 2.47
CA LEU A 353 -0.14 -23.86 3.25
C LEU A 353 1.19 -23.78 2.54
N ILE A 354 1.55 -22.61 2.03
CA ILE A 354 2.77 -22.47 1.24
C ILE A 354 3.84 -21.70 1.99
N SER A 355 5.06 -21.81 1.49
CA SER A 355 6.19 -21.04 2.01
C SER A 355 6.29 -19.68 1.31
N ARG A 356 7.13 -18.83 1.86
CA ARG A 356 7.42 -17.55 1.23
C ARG A 356 8.10 -17.71 -0.14
N ALA A 357 8.99 -18.68 -0.27
CA ALA A 357 9.62 -18.98 -1.57
C ALA A 357 8.56 -19.33 -2.60
N GLN A 358 7.59 -20.17 -2.20
CA GLN A 358 6.48 -20.53 -3.07
C GLN A 358 5.52 -19.37 -3.39
N PHE A 359 5.39 -18.41 -2.48
CA PHE A 359 4.65 -17.18 -2.77
C PHE A 359 5.35 -16.34 -3.85
N LEU A 360 6.64 -16.11 -3.69
CA LEU A 360 7.35 -15.31 -4.70
C LEU A 360 7.32 -15.99 -6.07
N ALA A 361 7.47 -17.31 -6.11
CA ALA A 361 7.41 -18.06 -7.39
C ALA A 361 6.01 -17.97 -7.99
N GLY A 362 5.01 -17.99 -7.12
CA GLY A 362 3.62 -17.92 -7.52
C GLY A 362 3.22 -16.57 -8.07
N VAL A 363 3.81 -15.50 -7.55
CA VAL A 363 3.55 -14.17 -8.06
C VAL A 363 4.00 -14.03 -9.51
N ARG A 364 5.11 -14.67 -9.86
CA ARG A 364 5.61 -14.56 -11.25
C ARG A 364 4.71 -15.29 -12.24
N ILE A 365 4.10 -16.39 -11.78
CA ILE A 365 3.17 -17.20 -12.55
C ILE A 365 1.79 -16.52 -12.63
N GLY A 366 1.37 -15.89 -11.55
CA GLY A 366 0.09 -15.19 -11.51
C GLY A 366 0.06 -13.79 -12.10
N VAL A 367 1.24 -13.19 -12.27
CA VAL A 367 1.36 -11.87 -12.91
C VAL A 367 2.47 -12.04 -13.94
N PRO A 368 2.22 -12.81 -15.00
CA PRO A 368 3.29 -13.24 -15.90
C PRO A 368 3.90 -12.16 -16.76
N GLN A 369 3.19 -11.04 -16.95
CA GLN A 369 3.73 -9.90 -17.72
C GLN A 369 4.58 -8.96 -16.86
N ALA A 370 4.58 -9.16 -15.54
CA ALA A 370 5.30 -8.27 -14.64
C ALA A 370 6.81 -8.40 -14.75
N SER A 371 7.49 -7.27 -14.91
CA SER A 371 8.93 -7.20 -14.74
C SER A 371 9.33 -7.58 -13.33
N ASP A 372 10.63 -7.70 -13.08
CA ASP A 372 11.13 -8.00 -11.73
C ASP A 372 10.71 -6.93 -10.72
N LEU A 373 10.80 -5.66 -11.09
CA LEU A 373 10.44 -4.56 -10.19
C LEU A 373 8.93 -4.58 -9.87
N ALA A 374 8.08 -4.72 -10.88
CA ALA A 374 6.63 -4.79 -10.68
C ALA A 374 6.28 -5.98 -9.78
N ALA A 375 6.95 -7.11 -10.00
CA ALA A 375 6.71 -8.31 -9.21
C ALA A 375 7.10 -8.06 -7.75
N GLU A 376 8.24 -7.38 -7.54
CA GLU A 376 8.65 -6.98 -6.19
C GLU A 376 7.61 -6.06 -5.55
N ALA A 377 7.09 -5.10 -6.32
CA ALA A 377 6.04 -4.21 -5.82
C ALA A 377 4.79 -4.97 -5.40
N VAL A 378 4.42 -5.99 -6.17
CA VAL A 378 3.26 -6.83 -5.85
C VAL A 378 3.50 -7.58 -4.53
N VAL A 379 4.65 -8.23 -4.43
CA VAL A 379 5.01 -8.98 -3.19
C VAL A 379 5.04 -8.10 -1.93
N LEU A 380 5.58 -6.89 -2.03
CA LEU A 380 5.67 -6.02 -0.88
C LEU A 380 4.30 -5.48 -0.47
N HIS A 381 3.44 -5.24 -1.45
CA HIS A 381 2.09 -4.77 -1.21
C HIS A 381 1.19 -5.84 -0.58
N TYR A 382 1.40 -7.10 -0.95
CA TYR A 382 0.57 -8.19 -0.46
C TYR A 382 1.15 -8.94 0.73
N THR A 383 2.41 -8.69 1.09
CA THR A 383 3.00 -9.25 2.28
C THR A 383 2.38 -8.63 3.52
N ASP A 384 2.11 -9.45 4.53
CA ASP A 384 1.76 -8.96 5.85
C ASP A 384 3.04 -8.84 6.66
N TRP A 385 3.53 -7.63 6.85
CA TRP A 385 4.86 -7.44 7.42
C TRP A 385 4.96 -7.71 8.92
N LEU A 386 3.84 -8.05 9.55
CA LEU A 386 3.82 -8.58 10.91
C LEU A 386 4.04 -10.08 10.96
N HIS A 387 3.53 -10.78 9.95
CA HIS A 387 3.72 -12.23 9.85
C HIS A 387 4.11 -12.56 8.43
N PRO A 388 5.31 -12.11 7.99
CA PRO A 388 5.72 -12.24 6.60
C PRO A 388 5.97 -13.69 6.11
N GLU A 389 6.08 -14.66 7.00
CA GLU A 389 6.30 -16.05 6.61
C GLU A 389 5.17 -16.98 7.03
N ASP A 390 4.03 -16.44 7.42
CA ASP A 390 2.91 -17.26 7.88
C ASP A 390 2.26 -17.95 6.67
N PRO A 391 2.29 -19.30 6.61
CA PRO A 391 1.80 -20.01 5.43
C PRO A 391 0.32 -19.76 5.10
N THR A 392 -0.51 -19.53 6.10
CA THR A 392 -1.93 -19.22 5.88
C THR A 392 -2.09 -17.84 5.25
N HIS A 393 -1.41 -16.81 5.76
CA HIS A 393 -1.48 -15.51 5.09
C HIS A 393 -0.95 -15.56 3.67
N LEU A 394 0.09 -16.34 3.43
CA LEU A 394 0.74 -16.41 2.11
C LEU A 394 -0.16 -17.06 1.06
N ARG A 395 -0.74 -18.20 1.40
CA ARG A 395 -1.77 -18.83 0.56
C ARG A 395 -2.88 -17.84 0.16
N ASP A 396 -3.51 -17.23 1.16
CA ASP A 396 -4.60 -16.30 0.91
C ASP A 396 -4.16 -15.06 0.12
N ALA A 397 -2.93 -14.59 0.35
CA ALA A 397 -2.40 -13.46 -0.44
C ALA A 397 -2.16 -13.89 -1.90
N MET A 398 -1.72 -15.12 -2.12
CA MET A 398 -1.56 -15.62 -3.49
C MET A 398 -2.89 -15.57 -4.24
N SER A 399 -3.93 -16.03 -3.55
CA SER A 399 -5.30 -15.98 -4.07
C SER A 399 -5.71 -14.56 -4.42
N ALA A 400 -5.58 -13.65 -3.45
CA ALA A 400 -5.95 -12.24 -3.64
C ALA A 400 -5.18 -11.57 -4.80
N VAL A 401 -3.90 -11.91 -4.95
CA VAL A 401 -3.09 -11.36 -6.05
C VAL A 401 -3.75 -11.69 -7.40
N VAL A 402 -4.04 -12.97 -7.63
CA VAL A 402 -4.57 -13.46 -8.90
C VAL A 402 -5.97 -12.90 -9.17
N GLY A 403 -6.78 -12.86 -8.12
CA GLY A 403 -8.13 -12.34 -8.20
C GLY A 403 -8.20 -10.84 -8.40
N ASP A 404 -7.38 -10.06 -7.69
CA ASP A 404 -7.39 -8.61 -7.83
C ASP A 404 -6.85 -8.19 -9.21
N HIS A 405 -5.76 -8.80 -9.63
CA HIS A 405 -5.15 -8.50 -10.92
C HIS A 405 -6.10 -8.76 -12.10
N ASN A 406 -6.70 -9.94 -12.10
CA ASN A 406 -7.48 -10.43 -13.25
C ASN A 406 -8.96 -10.09 -13.27
N VAL A 407 -9.55 -9.87 -12.10
CA VAL A 407 -11.00 -9.68 -12.01
C VAL A 407 -11.38 -8.42 -11.21
N VAL A 408 -11.03 -8.37 -9.92
CA VAL A 408 -11.59 -7.32 -9.05
C VAL A 408 -11.23 -5.91 -9.54
N CYS A 409 -9.97 -5.68 -9.87
CA CYS A 409 -9.55 -4.32 -10.23
C CYS A 409 -9.94 -3.90 -11.65
N PRO A 410 -9.90 -4.83 -12.61
CA PRO A 410 -10.57 -4.57 -13.88
C PRO A 410 -12.05 -4.18 -13.74
N VAL A 411 -12.78 -4.86 -12.86
CA VAL A 411 -14.17 -4.55 -12.64
C VAL A 411 -14.31 -3.16 -12.00
N ALA A 412 -13.50 -2.87 -10.99
CA ALA A 412 -13.47 -1.52 -10.40
C ALA A 412 -13.20 -0.45 -11.46
N GLN A 413 -12.21 -0.69 -12.31
CA GLN A 413 -11.89 0.27 -13.36
C GLN A 413 -13.08 0.49 -14.30
N LEU A 414 -13.67 -0.62 -14.79
CA LEU A 414 -14.81 -0.56 -15.69
C LEU A 414 -15.97 0.21 -15.08
N ALA A 415 -16.35 -0.14 -13.85
CA ALA A 415 -17.45 0.51 -13.14
C ALA A 415 -17.28 2.03 -13.03
N GLY A 416 -16.07 2.47 -12.71
CA GLY A 416 -15.78 3.91 -12.60
C GLY A 416 -15.80 4.65 -13.91
N ARG A 417 -15.23 4.05 -14.95
CA ARG A 417 -15.18 4.70 -16.26
C ARG A 417 -16.56 4.77 -16.90
N LEU A 418 -17.38 3.75 -16.68
CA LEU A 418 -18.76 3.76 -17.17
C LEU A 418 -19.61 4.79 -16.45
N ALA A 419 -19.44 4.90 -15.13
CA ALA A 419 -20.22 5.85 -14.33
C ALA A 419 -19.86 7.31 -14.66
N ALA A 420 -18.57 7.57 -14.84
CA ALA A 420 -18.08 8.89 -15.21
C ALA A 420 -18.51 9.30 -16.63
N GLN A 421 -18.68 8.32 -17.51
CA GLN A 421 -19.07 8.57 -18.90
C GLN A 421 -20.59 8.46 -19.10
N GLY A 422 -21.37 8.49 -18.00
CA GLY A 422 -22.82 8.63 -18.07
C GLY A 422 -23.69 7.39 -17.85
N ALA A 423 -23.09 6.22 -17.73
CA ALA A 423 -23.87 5.00 -17.52
C ALA A 423 -24.47 4.96 -16.13
N ARG A 424 -25.62 4.29 -16.01
CA ARG A 424 -26.17 3.93 -14.71
C ARG A 424 -25.62 2.56 -14.31
N VAL A 425 -24.82 2.50 -13.24
CA VAL A 425 -24.10 1.26 -12.84
C VAL A 425 -24.55 0.78 -11.46
N TYR A 426 -24.68 -0.54 -11.30
CA TYR A 426 -24.93 -1.18 -9.99
C TYR A 426 -23.86 -2.23 -9.75
N ALA A 427 -23.33 -2.29 -8.53
CA ALA A 427 -22.16 -3.15 -8.24
C ALA A 427 -22.42 -4.05 -7.06
N TYR A 428 -21.90 -5.28 -7.10
CA TYR A 428 -22.03 -6.22 -5.98
C TYR A 428 -20.75 -6.98 -5.70
N ILE A 429 -20.64 -7.52 -4.49
CA ILE A 429 -19.74 -8.63 -4.16
C ILE A 429 -20.60 -9.79 -3.64
N PHE A 430 -20.38 -10.99 -4.20
CA PHE A 430 -21.13 -12.19 -3.83
C PHE A 430 -20.32 -13.00 -2.83
N GLU A 431 -20.89 -13.24 -1.65
CA GLU A 431 -20.13 -13.80 -0.52
C GLU A 431 -20.66 -15.10 0.08
N HIS A 432 -21.62 -15.75 -0.54
CA HIS A 432 -22.11 -17.00 0.00
C HIS A 432 -21.45 -18.24 -0.64
N ARG A 433 -20.91 -19.10 0.22
CA ARG A 433 -20.33 -20.37 -0.18
C ARG A 433 -21.40 -21.47 -0.15
N ALA A 434 -21.69 -22.05 -1.32
CA ALA A 434 -22.72 -23.08 -1.42
C ALA A 434 -22.39 -24.19 -0.44
N SER A 435 -23.38 -24.61 0.33
CA SER A 435 -23.23 -25.76 1.24
C SER A 435 -22.82 -27.05 0.53
N THR A 436 -23.06 -27.13 -0.77
CA THR A 436 -22.82 -28.34 -1.56
C THR A 436 -21.47 -28.33 -2.29
N LEU A 437 -20.64 -27.32 -2.02
CA LEU A 437 -19.40 -27.08 -2.81
C LEU A 437 -18.42 -28.19 -2.52
N THR A 438 -17.79 -28.77 -3.54
CA THR A 438 -16.88 -29.92 -3.34
C THR A 438 -15.42 -29.49 -3.26
N TRP A 439 -15.14 -28.22 -3.58
CA TRP A 439 -13.80 -27.66 -3.43
C TRP A 439 -13.54 -27.48 -1.94
N PRO A 440 -12.26 -27.50 -1.51
CA PRO A 440 -11.99 -27.37 -0.08
C PRO A 440 -12.26 -25.97 0.45
N LEU A 441 -12.34 -25.86 1.78
CA LEU A 441 -12.73 -24.62 2.45
C LEU A 441 -11.81 -23.44 2.19
N TRP A 442 -10.50 -23.70 2.12
CA TRP A 442 -9.54 -22.63 1.93
C TRP A 442 -9.81 -21.84 0.64
N MET A 443 -10.49 -22.44 -0.33
CA MET A 443 -10.78 -21.77 -1.60
C MET A 443 -11.90 -20.74 -1.48
N GLY A 444 -12.61 -20.75 -0.34
CA GLY A 444 -13.62 -19.74 -0.06
C GLY A 444 -14.83 -19.80 -0.97
N VAL A 445 -15.18 -18.67 -1.59
CA VAL A 445 -16.28 -18.58 -2.55
C VAL A 445 -15.61 -18.39 -3.91
N PRO A 446 -15.32 -19.50 -4.64
CA PRO A 446 -14.54 -19.37 -5.85
C PRO A 446 -15.26 -18.83 -7.09
N HIS A 447 -14.45 -18.34 -8.02
CA HIS A 447 -14.91 -17.87 -9.31
C HIS A 447 -15.90 -18.91 -9.88
N GLY A 448 -17.09 -18.44 -10.28
CA GLY A 448 -18.08 -19.28 -10.93
C GLY A 448 -19.19 -19.82 -10.04
N TYR A 449 -19.06 -19.70 -8.70
CA TYR A 449 -20.00 -20.38 -7.78
C TYR A 449 -21.16 -19.49 -7.30
N GLU A 450 -21.34 -18.37 -8.00
CA GLU A 450 -22.55 -17.57 -7.91
C GLU A 450 -23.58 -17.99 -8.95
N ILE A 451 -23.14 -18.54 -10.07
CA ILE A 451 -24.01 -18.80 -11.23
C ILE A 451 -25.18 -19.69 -10.82
N GLU A 452 -24.86 -20.79 -10.13
CA GLU A 452 -25.91 -21.75 -9.73
C GLU A 452 -27.04 -21.08 -8.95
N PHE A 453 -26.74 -20.00 -8.23
CA PHE A 453 -27.77 -19.30 -7.44
C PHE A 453 -28.62 -18.35 -8.27
N ILE A 454 -27.98 -17.68 -9.23
CA ILE A 454 -28.67 -16.75 -10.12
C ILE A 454 -29.62 -17.53 -11.03
N PHE A 455 -29.18 -18.69 -11.50
CA PHE A 455 -30.05 -19.56 -12.30
C PHE A 455 -31.12 -20.32 -11.50
N GLY A 456 -31.04 -20.28 -10.16
CA GLY A 456 -32.08 -20.82 -9.30
C GLY A 456 -32.01 -22.31 -9.05
N LEU A 457 -30.83 -22.90 -9.19
CA LEU A 457 -30.69 -24.34 -8.98
C LEU A 457 -31.10 -24.82 -7.58
N PRO A 458 -30.81 -24.05 -6.51
CA PRO A 458 -31.30 -24.40 -5.16
C PRO A 458 -32.80 -24.71 -5.03
N LEU A 459 -33.61 -24.18 -5.95
CA LEU A 459 -35.04 -24.48 -6.02
C LEU A 459 -35.36 -25.94 -6.34
N ASP A 460 -34.39 -26.68 -6.87
CA ASP A 460 -34.58 -28.11 -7.19
C ASP A 460 -34.26 -28.95 -5.95
N PRO A 461 -35.28 -29.59 -5.36
CA PRO A 461 -35.03 -30.29 -4.08
C PRO A 461 -34.08 -31.48 -4.20
N SER A 462 -34.00 -32.10 -5.37
CA SER A 462 -33.04 -33.19 -5.59
C SER A 462 -31.57 -32.77 -5.39
N LEU A 463 -31.29 -31.45 -5.42
CA LEU A 463 -29.92 -30.96 -5.27
C LEU A 463 -29.43 -30.73 -3.83
N ASN A 464 -30.30 -30.87 -2.83
CA ASN A 464 -29.84 -30.89 -1.42
C ASN A 464 -29.24 -29.56 -0.88
N TYR A 465 -29.55 -28.43 -1.52
CA TYR A 465 -29.24 -27.13 -0.94
C TYR A 465 -30.11 -26.92 0.31
N THR A 466 -29.74 -25.99 1.18
CA THR A 466 -30.53 -25.69 2.38
C THR A 466 -31.74 -24.82 2.04
N THR A 467 -32.67 -24.76 2.99
CA THR A 467 -33.87 -23.93 2.87
C THR A 467 -33.52 -22.45 2.72
N GLU A 468 -32.50 -22.02 3.44
CA GLU A 468 -32.03 -20.65 3.41
C GLU A 468 -31.43 -20.31 2.04
N GLU A 469 -30.77 -21.29 1.43
CA GLU A 469 -30.20 -21.15 0.08
C GLU A 469 -31.24 -21.02 -1.03
N ARG A 470 -32.36 -21.73 -0.89
CA ARG A 470 -33.54 -21.57 -1.74
C ARG A 470 -34.05 -20.10 -1.71
N ILE A 471 -34.23 -19.54 -0.52
CA ILE A 471 -34.71 -18.16 -0.39
C ILE A 471 -33.69 -17.15 -0.96
N PHE A 472 -32.41 -17.38 -0.70
CA PHE A 472 -31.33 -16.56 -1.26
C PHE A 472 -31.36 -16.60 -2.80
N ALA A 473 -31.50 -17.79 -3.38
CA ALA A 473 -31.58 -17.93 -4.84
C ALA A 473 -32.74 -17.11 -5.40
N GLN A 474 -33.89 -17.18 -4.76
CA GLN A 474 -35.07 -16.44 -5.19
C GLN A 474 -34.86 -14.93 -5.15
N ARG A 475 -34.21 -14.42 -4.10
CA ARG A 475 -33.82 -13.01 -4.06
C ARG A 475 -32.95 -12.61 -5.25
N LEU A 476 -31.91 -13.39 -5.51
CA LEU A 476 -31.00 -13.08 -6.63
C LEU A 476 -31.73 -13.06 -7.96
N MET A 477 -32.57 -14.06 -8.19
CA MET A 477 -33.32 -14.14 -9.44
C MET A 477 -34.18 -12.88 -9.61
N LYS A 478 -34.71 -12.36 -8.52
CA LYS A 478 -35.52 -11.13 -8.59
C LYS A 478 -34.69 -9.89 -8.94
N TYR A 479 -33.50 -9.75 -8.34
CA TYR A 479 -32.64 -8.59 -8.63
C TYR A 479 -32.29 -8.58 -10.11
N TRP A 480 -31.92 -9.74 -10.63
CA TRP A 480 -31.47 -9.88 -12.02
C TRP A 480 -32.59 -9.61 -13.03
N THR A 481 -33.79 -10.10 -12.72
CA THR A 481 -34.92 -9.94 -13.64
C THR A 481 -35.53 -8.55 -13.48
N ASN A 482 -35.56 -8.01 -12.27
CA ASN A 482 -35.97 -6.60 -12.10
C ASN A 482 -35.09 -5.68 -12.92
N PHE A 483 -33.78 -5.91 -12.86
CA PHE A 483 -32.81 -5.15 -13.63
C PHE A 483 -33.05 -5.28 -15.13
N ALA A 484 -33.20 -6.52 -15.60
CA ALA A 484 -33.61 -6.80 -16.98
C ALA A 484 -34.83 -6.00 -17.42
N ARG A 485 -35.83 -5.93 -16.54
CA ARG A 485 -37.12 -5.32 -16.88
C ARG A 485 -37.09 -3.80 -16.87
N THR A 486 -36.39 -3.22 -15.90
CA THR A 486 -36.48 -1.78 -15.60
C THR A 486 -35.14 -1.06 -15.63
N GLY A 487 -34.03 -1.81 -15.67
CA GLY A 487 -32.69 -1.25 -15.52
C GLY A 487 -32.38 -0.87 -14.09
N ASP A 488 -33.13 -1.43 -13.14
CA ASP A 488 -32.97 -1.14 -11.71
C ASP A 488 -33.25 -2.45 -10.94
N PRO A 489 -32.26 -2.96 -10.19
CA PRO A 489 -32.46 -4.23 -9.50
C PRO A 489 -33.43 -4.18 -8.32
N ASN A 490 -33.78 -2.99 -7.86
CA ASN A 490 -34.69 -2.81 -6.74
C ASN A 490 -36.16 -3.01 -7.13
N ASP A 491 -36.95 -3.48 -6.16
CA ASP A 491 -38.39 -3.57 -6.35
C ASP A 491 -39.03 -2.23 -5.98
N PRO A 492 -39.78 -1.64 -6.91
CA PRO A 492 -40.39 -0.32 -6.66
C PRO A 492 -41.42 -0.29 -5.53
N ARG A 493 -42.06 -1.43 -5.23
CA ARG A 493 -43.09 -1.50 -4.19
C ARG A 493 -42.44 -1.63 -2.80
N ASP A 494 -41.57 -2.64 -2.67
CA ASP A 494 -40.87 -2.94 -1.41
C ASP A 494 -39.98 -1.78 -0.94
N SER A 495 -40.49 -1.00 0.00
CA SER A 495 -39.82 0.22 0.46
C SER A 495 -38.78 -0.03 1.57
N LYS A 496 -39.24 -0.62 2.68
CA LYS A 496 -38.44 -0.72 3.92
C LYS A 496 -37.25 -1.68 3.85
N SER A 497 -37.32 -2.64 2.93
CA SER A 497 -36.16 -3.47 2.61
C SER A 497 -35.01 -2.58 2.12
N PRO A 498 -33.74 -2.98 2.37
CA PRO A 498 -32.66 -2.08 1.99
C PRO A 498 -32.54 -1.95 0.48
N GLN A 499 -32.19 -0.75 0.03
CA GLN A 499 -32.09 -0.43 -1.39
C GLN A 499 -30.66 -0.63 -1.87
N TRP A 500 -30.53 -0.93 -3.16
CA TRP A 500 -29.26 -1.08 -3.84
C TRP A 500 -29.01 0.20 -4.62
N PRO A 501 -28.14 1.09 -4.10
CA PRO A 501 -27.92 2.36 -4.77
C PRO A 501 -26.95 2.20 -5.92
N PRO A 502 -27.04 3.06 -6.95
CA PRO A 502 -26.08 3.02 -8.06
C PRO A 502 -24.63 3.28 -7.61
N TYR A 503 -23.68 2.66 -8.31
CA TYR A 503 -22.27 2.95 -8.14
C TYR A 503 -21.92 4.29 -8.80
N THR A 504 -21.22 5.15 -8.08
CA THR A 504 -20.74 6.42 -8.63
C THR A 504 -19.27 6.64 -8.30
N THR A 505 -18.62 7.53 -9.05
CA THR A 505 -17.21 7.83 -8.81
C THR A 505 -17.02 8.46 -7.43
N ALA A 506 -17.97 9.31 -7.03
CA ALA A 506 -17.89 10.01 -5.75
C ALA A 506 -18.03 9.08 -4.57
N ALA A 507 -19.10 8.27 -4.59
CA ALA A 507 -19.48 7.50 -3.42
C ALA A 507 -19.04 6.03 -3.49
N GLN A 508 -18.82 5.49 -4.70
CA GLN A 508 -18.30 4.13 -4.88
C GLN A 508 -19.10 3.04 -4.14
N GLN A 509 -20.43 3.19 -4.13
CA GLN A 509 -21.28 2.28 -3.35
C GLN A 509 -21.57 0.96 -4.07
N TYR A 510 -21.64 -0.11 -3.29
CA TYR A 510 -21.94 -1.44 -3.81
C TYR A 510 -22.52 -2.30 -2.69
N VAL A 511 -23.18 -3.39 -3.04
CA VAL A 511 -23.88 -4.21 -2.05
C VAL A 511 -23.27 -5.58 -1.87
N SER A 512 -23.34 -6.10 -0.65
CA SER A 512 -23.02 -7.49 -0.38
C SER A 512 -24.22 -8.39 -0.67
N LEU A 513 -23.97 -9.44 -1.45
CA LEU A 513 -24.98 -10.47 -1.71
C LEU A 513 -24.62 -11.72 -0.91
N ASN A 514 -25.40 -11.97 0.14
CA ASN A 514 -25.29 -13.15 0.99
C ASN A 514 -26.64 -13.46 1.63
N LEU A 515 -26.67 -14.41 2.58
CA LEU A 515 -27.93 -14.83 3.24
C LEU A 515 -28.57 -13.74 4.10
N LYS A 516 -27.81 -12.69 4.41
CA LYS A 516 -28.32 -11.53 5.12
C LYS A 516 -28.87 -10.46 4.16
N PRO A 517 -29.73 -9.57 4.67
CA PRO A 517 -30.28 -8.50 3.83
C PRO A 517 -29.19 -7.60 3.26
N LEU A 518 -29.46 -6.96 2.12
CA LEU A 518 -28.45 -6.14 1.44
C LEU A 518 -27.73 -5.18 2.38
N GLU A 519 -26.41 -5.21 2.35
CA GLU A 519 -25.59 -4.26 3.09
C GLU A 519 -24.79 -3.44 2.11
N VAL A 520 -24.93 -2.12 2.19
CA VAL A 520 -24.24 -1.19 1.31
C VAL A 520 -22.83 -0.93 1.85
N ARG A 521 -21.83 -1.13 1.00
CA ARG A 521 -20.43 -0.87 1.35
C ARG A 521 -19.87 0.18 0.39
N ARG A 522 -18.67 0.69 0.68
CA ARG A 522 -18.10 1.77 -0.12
C ARG A 522 -16.68 1.45 -0.56
N GLY A 523 -16.41 1.58 -1.85
CA GLY A 523 -15.06 1.39 -2.38
C GLY A 523 -14.72 -0.06 -2.63
N LEU A 524 -14.55 -0.41 -3.90
CA LEU A 524 -14.27 -1.79 -4.26
C LEU A 524 -12.75 -2.03 -4.27
N ARG A 525 -12.22 -2.47 -3.12
CA ARG A 525 -10.78 -2.59 -2.92
C ARG A 525 -10.08 -1.33 -3.41
N ALA A 526 -10.57 -0.18 -2.96
CA ALA A 526 -10.09 1.11 -3.44
C ALA A 526 -8.56 1.26 -3.38
N GLN A 527 -7.95 0.98 -2.23
CA GLN A 527 -6.49 1.17 -2.09
C GLN A 527 -5.70 0.23 -2.99
N THR A 528 -6.04 -1.05 -2.95
CA THR A 528 -5.35 -2.07 -3.75
C THR A 528 -5.58 -1.86 -5.25
N CYS A 529 -6.78 -1.46 -5.64
CA CYS A 529 -7.03 -1.28 -7.07
C CYS A 529 -6.37 -0.02 -7.61
N ALA A 530 -6.04 0.93 -6.72
CA ALA A 530 -5.19 2.07 -7.06
C ALA A 530 -3.80 1.60 -7.47
N PHE A 531 -3.26 0.64 -6.74
CA PHE A 531 -1.99 0.01 -7.11
C PHE A 531 -2.03 -0.62 -8.53
N TRP A 532 -3.00 -1.48 -8.77
CA TRP A 532 -3.09 -2.18 -10.05
C TRP A 532 -3.45 -1.27 -11.22
N ASN A 533 -4.36 -0.32 -10.99
CA ASN A 533 -4.97 0.46 -12.09
C ASN A 533 -4.32 1.81 -12.33
N ARG A 534 -3.60 2.33 -11.35
CA ARG A 534 -2.98 3.65 -11.48
C ARG A 534 -1.46 3.59 -11.40
N PHE A 535 -0.91 2.81 -10.46
CA PHE A 535 0.54 2.79 -10.27
C PHE A 535 1.30 1.84 -11.19
N LEU A 536 0.93 0.55 -11.23
CA LEU A 536 1.67 -0.40 -12.08
C LEU A 536 1.82 0.06 -13.54
N PRO A 537 0.74 0.59 -14.15
CA PRO A 537 0.89 1.15 -15.50
C PRO A 537 1.97 2.23 -15.61
N LYS A 538 2.04 3.14 -14.63
CA LYS A 538 3.11 4.15 -14.60
C LYS A 538 4.49 3.53 -14.42
N LEU A 539 4.57 2.43 -13.69
CA LEU A 539 5.82 1.71 -13.50
C LEU A 539 6.26 1.08 -14.83
N LEU A 540 5.30 0.54 -15.57
CA LEU A 540 5.52 0.06 -16.94
C LEU A 540 5.89 1.20 -17.89
N SER A 541 5.07 2.25 -17.87
CA SER A 541 5.24 3.42 -18.73
C SER A 541 6.62 4.10 -18.56
N ALA A 542 7.07 4.23 -17.31
CA ALA A 542 8.39 4.81 -17.02
C ALA A 542 9.53 3.84 -17.32
N THR A 543 9.27 2.54 -17.20
CA THR A 543 10.28 1.50 -17.46
C THR A 543 9.83 0.57 -18.59
N GLU B 4 29.52 30.05 52.06
CA GLU B 4 30.01 29.01 51.10
C GLU B 4 29.46 27.63 51.50
N ASP B 5 28.48 27.14 50.74
CA ASP B 5 27.86 25.84 50.97
C ASP B 5 28.77 24.75 50.41
N PRO B 6 29.31 23.86 51.27
CA PRO B 6 30.28 22.85 50.82
C PRO B 6 29.74 21.80 49.85
N GLN B 7 28.42 21.65 49.80
CA GLN B 7 27.78 20.81 48.78
C GLN B 7 27.91 21.41 47.38
N LEU B 8 28.16 22.72 47.32
CA LEU B 8 28.24 23.45 46.06
C LEU B 8 29.67 23.68 45.60
N LEU B 9 30.65 23.12 46.31
CA LEU B 9 32.05 23.25 45.94
C LEU B 9 32.56 21.87 45.54
N VAL B 10 32.94 21.72 44.27
CA VAL B 10 33.47 20.48 43.75
C VAL B 10 34.82 20.71 43.07
N ARG B 11 35.75 19.77 43.26
CA ARG B 11 36.99 19.74 42.52
C ARG B 11 36.90 18.73 41.40
N VAL B 12 37.15 19.20 40.18
CA VAL B 12 37.24 18.34 39.01
C VAL B 12 38.70 18.39 38.58
N ARG B 13 39.06 17.63 37.55
CA ARG B 13 40.47 17.56 37.16
C ARG B 13 41.03 18.94 36.79
N GLY B 14 40.21 19.78 36.18
CA GLY B 14 40.67 21.10 35.74
C GLY B 14 40.78 22.15 36.84
N GLY B 15 40.19 21.88 38.00
CA GLY B 15 40.18 22.84 39.11
C GLY B 15 38.90 22.82 39.92
N GLN B 16 38.70 23.86 40.73
CA GLN B 16 37.52 23.98 41.61
C GLN B 16 36.36 24.69 40.92
N LEU B 17 35.14 24.28 41.26
CA LEU B 17 33.91 24.88 40.73
C LEU B 17 32.99 25.28 41.86
N ARG B 18 32.23 26.36 41.66
CA ARG B 18 31.15 26.68 42.59
C ARG B 18 29.82 26.57 41.89
N GLY B 19 28.97 25.71 42.44
CA GLY B 19 27.63 25.51 41.91
C GLY B 19 26.62 26.40 42.60
N ILE B 20 25.35 26.18 42.30
CA ILE B 20 24.27 26.97 42.85
C ILE B 20 23.15 26.03 43.25
N ARG B 21 22.50 26.32 44.36
CA ARG B 21 21.42 25.49 44.86
C ARG B 21 20.12 25.98 44.25
N LEU B 22 19.42 25.08 43.56
CA LEU B 22 18.15 25.45 42.94
C LEU B 22 16.99 24.80 43.67
N LYS B 23 15.83 25.47 43.60
CA LYS B 23 14.61 24.97 44.21
C LYS B 23 13.92 24.06 43.23
N ALA B 24 13.64 22.84 43.66
CA ALA B 24 12.74 21.95 42.95
C ALA B 24 11.52 21.76 43.86
N PRO B 25 10.29 21.68 43.28
CA PRO B 25 9.06 21.42 44.05
C PRO B 25 9.19 20.46 45.25
N GLY B 26 9.92 19.36 45.11
CA GLY B 26 10.11 18.38 46.19
C GLY B 26 11.24 18.68 47.17
N GLY B 27 12.15 19.59 46.80
CA GLY B 27 13.32 19.88 47.63
C GLY B 27 14.45 20.46 46.79
N PRO B 28 15.59 20.79 47.42
CA PRO B 28 16.72 21.39 46.71
C PRO B 28 17.48 20.44 45.79
N VAL B 29 18.18 21.02 44.82
CA VAL B 29 19.16 20.31 43.99
C VAL B 29 20.42 21.17 43.84
N SER B 30 21.54 20.54 43.50
CA SER B 30 22.80 21.24 43.22
C SER B 30 22.99 21.32 41.71
N ALA B 31 23.18 22.53 41.20
CA ALA B 31 23.41 22.75 39.79
C ALA B 31 24.78 23.38 39.56
N PHE B 32 25.52 22.81 38.60
CA PHE B 32 26.81 23.31 38.17
C PHE B 32 26.73 23.59 36.68
N LEU B 33 26.52 24.86 36.34
CA LEU B 33 26.18 25.29 35.00
C LEU B 33 27.33 26.04 34.35
N GLY B 34 27.58 25.79 33.06
CA GLY B 34 28.59 26.54 32.31
C GLY B 34 30.01 26.11 32.63
N ILE B 35 30.22 24.80 32.77
CA ILE B 35 31.55 24.24 33.04
C ILE B 35 32.25 24.03 31.71
N PRO B 36 33.45 24.62 31.52
CA PRO B 36 34.14 24.45 30.24
C PRO B 36 34.73 23.05 30.12
N PHE B 37 34.43 22.34 29.03
CA PHE B 37 35.05 21.04 28.75
C PHE B 37 36.02 21.08 27.56
N ALA B 38 36.12 22.23 26.88
CA ALA B 38 37.03 22.40 25.75
C ALA B 38 37.63 23.81 25.71
N GLU B 39 38.74 23.95 25.00
CA GLU B 39 39.25 25.26 24.67
C GLU B 39 38.28 25.93 23.70
N PRO B 40 37.96 27.23 23.91
CA PRO B 40 37.09 27.97 22.98
C PRO B 40 37.48 27.78 21.51
N PRO B 41 36.56 27.23 20.70
CA PRO B 41 36.89 26.93 19.30
C PRO B 41 36.77 28.17 18.43
N VAL B 42 37.62 29.16 18.70
CA VAL B 42 37.53 30.47 18.08
C VAL B 42 38.80 30.80 17.29
N GLY B 43 38.65 31.69 16.31
CA GLY B 43 39.77 32.11 15.49
C GLY B 43 40.25 30.98 14.59
N SER B 44 41.48 30.53 14.84
CA SER B 44 42.09 29.47 14.03
C SER B 44 41.50 28.11 14.34
N ARG B 45 40.85 27.98 15.51
CA ARG B 45 40.26 26.71 15.94
C ARG B 45 38.87 26.47 15.33
N ARG B 46 38.33 27.47 14.63
CA ARG B 46 37.08 27.34 13.90
C ARG B 46 37.15 26.17 12.92
N PHE B 47 36.12 25.33 12.93
CA PHE B 47 36.01 24.13 12.09
C PHE B 47 36.94 22.99 12.55
N MET B 48 37.75 23.22 13.57
CA MET B 48 38.72 22.20 14.00
C MET B 48 38.15 21.37 15.15
N PRO B 49 38.62 20.12 15.30
CA PRO B 49 38.25 19.31 16.46
C PRO B 49 38.51 20.04 17.78
N PRO B 50 37.72 19.74 18.82
CA PRO B 50 37.93 20.44 20.08
C PRO B 50 39.14 19.90 20.83
N GLU B 51 39.86 20.77 21.54
CA GLU B 51 40.89 20.33 22.45
C GLU B 51 40.40 20.45 23.90
N PRO B 52 40.92 19.61 24.79
CA PRO B 52 40.53 19.67 26.19
C PRO B 52 40.84 21.02 26.88
N LYS B 53 39.97 21.40 27.81
CA LYS B 53 40.06 22.67 28.51
C LYS B 53 41.28 22.66 29.40
N ARG B 54 42.10 23.71 29.29
CA ARG B 54 43.26 23.88 30.14
C ARG B 54 42.77 24.09 31.58
N PRO B 55 43.49 23.56 32.57
CA PRO B 55 43.07 23.72 33.97
C PRO B 55 43.09 25.19 34.39
N TRP B 56 42.34 25.53 35.44
CA TRP B 56 42.18 26.93 35.84
C TRP B 56 42.46 27.12 37.31
N SER B 57 42.80 28.36 37.66
CA SER B 57 43.14 28.74 39.02
C SER B 57 41.90 29.14 39.80
N GLY B 58 41.98 29.07 41.12
CA GLY B 58 40.88 29.54 41.96
C GLY B 58 39.63 28.70 41.80
N VAL B 59 38.48 29.31 42.10
CA VAL B 59 37.18 28.67 42.02
C VAL B 59 36.41 29.28 40.84
N LEU B 60 36.08 28.44 39.86
CA LEU B 60 35.32 28.89 38.68
C LEU B 60 33.83 28.97 38.98
N ASP B 61 33.22 30.09 38.61
CA ASP B 61 31.82 30.33 38.86
C ASP B 61 30.96 29.49 37.90
N ALA B 62 30.28 28.47 38.44
CA ALA B 62 29.38 27.59 37.66
C ALA B 62 27.92 27.74 38.13
N THR B 63 27.48 28.98 38.27
CA THR B 63 26.15 29.27 38.78
C THR B 63 25.17 29.70 37.70
N THR B 64 25.63 29.91 36.47
CA THR B 64 24.77 30.38 35.37
C THR B 64 25.10 29.68 34.05
N PHE B 65 24.13 29.65 33.14
CA PHE B 65 24.35 29.03 31.83
C PHE B 65 25.34 29.87 31.03
N GLN B 66 26.19 29.21 30.25
CA GLN B 66 27.10 29.90 29.36
C GLN B 66 26.44 30.25 28.03
N ASN B 67 27.20 30.86 27.11
CA ASN B 67 26.67 31.30 25.81
C ASN B 67 26.17 30.16 24.92
N VAL B 68 25.21 30.49 24.06
CA VAL B 68 24.67 29.56 23.08
C VAL B 68 25.58 29.54 21.85
N CYS B 69 25.85 28.35 21.33
CA CYS B 69 26.68 28.20 20.13
C CYS B 69 26.07 29.00 18.96
N TYR B 70 26.92 29.64 18.17
CA TYR B 70 26.45 30.55 17.15
C TYR B 70 25.56 29.83 16.14
N GLN B 71 24.38 30.40 15.88
CA GLN B 71 23.35 29.70 15.11
C GLN B 71 22.32 30.65 14.54
N TYR B 72 21.63 30.17 13.50
CA TYR B 72 20.43 30.81 12.96
C TYR B 72 19.35 30.94 14.04
N VAL B 73 18.73 32.11 14.09
CA VAL B 73 17.61 32.38 14.99
C VAL B 73 16.32 32.34 14.14
N ASP B 74 15.31 31.63 14.62
CA ASP B 74 14.07 31.51 13.88
C ASP B 74 13.30 32.83 13.80
N THR B 75 12.76 33.11 12.62
CA THR B 75 11.99 34.33 12.35
C THR B 75 10.63 34.03 11.70
N LEU B 76 10.21 32.76 11.67
CA LEU B 76 8.97 32.39 10.95
C LEU B 76 7.78 33.12 11.57
N TYR B 77 7.67 33.05 12.90
CA TYR B 77 6.57 33.65 13.65
C TYR B 77 7.14 34.48 14.83
N PRO B 78 7.57 35.72 14.57
CA PRO B 78 8.16 36.52 15.66
C PRO B 78 7.20 36.77 16.82
N GLY B 79 7.66 36.52 18.04
CA GLY B 79 6.84 36.69 19.24
C GLY B 79 6.02 35.47 19.62
N PHE B 80 6.09 34.41 18.81
CA PHE B 80 5.27 33.20 19.01
C PHE B 80 6.03 32.17 19.87
N GLU B 81 5.45 31.85 21.02
CA GLU B 81 6.07 30.96 21.98
C GLU B 81 6.42 29.58 21.43
N GLY B 82 5.57 29.05 20.54
CA GLY B 82 5.78 27.72 19.95
C GLY B 82 7.06 27.58 19.13
N THR B 83 7.51 28.68 18.53
CA THR B 83 8.80 28.70 17.85
C THR B 83 9.87 29.30 18.76
N GLU B 84 9.51 30.37 19.48
CA GLU B 84 10.50 31.11 20.27
C GLU B 84 11.10 30.28 21.39
N MET B 85 10.34 29.32 21.93
CA MET B 85 10.82 28.48 23.04
C MET B 85 12.01 27.58 22.67
N TRP B 86 12.30 27.48 21.39
CA TRP B 86 13.43 26.70 20.90
C TRP B 86 14.60 27.58 20.52
N ASN B 87 14.36 28.90 20.49
CA ASN B 87 15.38 29.87 20.10
C ASN B 87 16.34 30.10 21.26
N PRO B 88 17.56 30.59 20.96
CA PRO B 88 18.54 30.86 21.99
C PRO B 88 18.00 31.76 23.11
N ASN B 89 18.21 31.34 24.34
CA ASN B 89 17.81 32.11 25.50
C ASN B 89 19.03 32.67 26.23
N ARG B 90 20.20 32.58 25.61
CA ARG B 90 21.40 33.29 26.07
C ARG B 90 22.08 33.86 24.81
N GLU B 91 23.11 34.68 25.01
CA GLU B 91 23.84 35.30 23.91
C GLU B 91 24.55 34.29 23.05
N LEU B 92 24.64 34.61 21.76
CA LEU B 92 25.29 33.74 20.80
C LEU B 92 26.78 33.98 20.84
N SER B 93 27.55 32.89 20.84
CA SER B 93 29.00 33.00 20.72
C SER B 93 29.57 31.73 20.14
N GLU B 94 30.70 31.85 19.45
CA GLU B 94 31.47 30.67 19.04
C GLU B 94 32.17 30.09 20.25
N ASP B 95 32.38 30.93 21.26
CA ASP B 95 32.86 30.48 22.56
C ASP B 95 31.68 29.89 23.34
N CYS B 96 31.43 28.60 23.13
CA CYS B 96 30.21 27.95 23.63
C CYS B 96 30.40 26.52 24.16
N LEU B 97 31.63 26.04 24.27
CA LEU B 97 31.82 24.64 24.61
C LEU B 97 31.86 24.42 26.13
N TYR B 98 30.64 24.38 26.70
CA TYR B 98 30.42 24.24 28.13
C TYR B 98 29.36 23.17 28.39
N LEU B 99 29.38 22.58 29.59
CA LEU B 99 28.38 21.59 29.98
C LEU B 99 27.78 21.88 31.36
N ASN B 100 26.65 21.23 31.65
CA ASN B 100 25.84 21.47 32.84
C ASN B 100 25.58 20.14 33.57
N VAL B 101 25.74 20.13 34.88
CA VAL B 101 25.47 18.95 35.72
C VAL B 101 24.45 19.32 36.81
N TRP B 102 23.38 18.53 36.96
CA TRP B 102 22.51 18.64 38.14
C TRP B 102 22.66 17.39 38.99
N THR B 103 22.70 17.54 40.31
CA THR B 103 22.76 16.38 41.21
C THR B 103 21.84 16.59 42.39
N PRO B 104 21.44 15.50 43.07
CA PRO B 104 20.66 15.64 44.30
C PRO B 104 21.40 16.45 45.34
N TYR B 105 20.67 17.22 46.14
CA TYR B 105 21.19 17.93 47.30
C TYR B 105 20.61 17.24 48.51
N PRO B 106 21.46 16.68 49.40
CA PRO B 106 22.91 16.60 49.36
C PRO B 106 23.42 15.64 48.29
N ARG B 107 24.70 15.75 47.97
CA ARG B 107 25.38 14.92 46.98
C ARG B 107 25.09 13.45 47.26
N PRO B 108 24.74 12.65 46.23
CA PRO B 108 24.38 11.26 46.50
C PRO B 108 25.47 10.47 47.22
N ALA B 109 25.06 9.72 48.24
CA ALA B 109 25.97 8.99 49.12
C ALA B 109 26.71 7.85 48.40
N SER B 110 26.01 7.16 47.52
CA SER B 110 26.62 6.11 46.70
C SER B 110 26.41 6.41 45.22
N PRO B 111 27.31 5.92 44.33
CA PRO B 111 27.31 6.21 42.89
C PRO B 111 25.95 6.03 42.19
N THR B 112 25.46 7.09 41.56
CA THR B 112 24.13 7.11 40.94
C THR B 112 24.27 7.04 39.42
N PRO B 113 23.32 6.38 38.75
CA PRO B 113 23.30 6.40 37.28
C PRO B 113 23.33 7.81 36.72
N VAL B 114 24.07 7.99 35.63
CA VAL B 114 24.17 9.28 34.95
C VAL B 114 23.39 9.25 33.65
N LEU B 115 22.58 10.29 33.43
CA LEU B 115 21.91 10.52 32.17
C LEU B 115 22.54 11.74 31.48
N ILE B 116 22.98 11.57 30.22
CA ILE B 116 23.56 12.66 29.46
C ILE B 116 22.63 13.03 28.32
N TRP B 117 22.08 14.24 28.39
CA TRP B 117 21.22 14.80 27.32
C TRP B 117 22.01 15.47 26.20
N ILE B 118 21.67 15.11 24.97
CA ILE B 118 22.18 15.74 23.74
C ILE B 118 21.00 16.38 23.00
N TYR B 119 20.95 17.70 22.95
CA TYR B 119 19.85 18.41 22.27
C TYR B 119 19.77 18.21 20.76
N GLY B 120 18.57 18.47 20.23
CA GLY B 120 18.31 18.50 18.79
C GLY B 120 18.22 19.92 18.23
N GLY B 121 17.81 20.03 16.97
CA GLY B 121 17.83 21.29 16.19
C GLY B 121 18.44 21.17 14.80
N GLY B 122 18.26 20.02 14.17
CA GLY B 122 18.73 19.75 12.81
C GLY B 122 20.21 19.94 12.59
N PHE B 123 21.01 19.80 13.64
CA PHE B 123 22.44 20.12 13.63
C PHE B 123 22.75 21.58 13.23
N TYR B 124 21.73 22.44 13.12
CA TYR B 124 21.94 23.87 12.82
C TYR B 124 21.56 24.78 14.02
N SER B 125 21.06 24.19 15.11
CA SER B 125 20.52 24.95 16.22
C SER B 125 20.43 24.14 17.50
N GLY B 126 20.08 24.83 18.58
CA GLY B 126 19.83 24.19 19.86
C GLY B 126 20.73 24.73 20.93
N ALA B 127 20.37 24.42 22.18
CA ALA B 127 21.18 24.77 23.34
C ALA B 127 20.76 23.96 24.56
N ALA B 128 21.69 23.63 25.45
CA ALA B 128 21.35 22.91 26.71
C ALA B 128 20.67 23.79 27.76
N SER B 129 20.56 25.09 27.49
CA SER B 129 20.03 26.06 28.43
C SER B 129 18.52 26.30 28.27
N LEU B 130 17.90 25.68 27.28
CA LEU B 130 16.45 25.84 27.09
C LEU B 130 15.70 25.30 28.29
N ASP B 131 14.59 25.94 28.63
CA ASP B 131 13.78 25.58 29.80
C ASP B 131 13.33 24.13 29.76
N VAL B 132 13.02 23.59 28.58
CA VAL B 132 12.56 22.19 28.47
C VAL B 132 13.61 21.14 28.83
N TYR B 133 14.89 21.52 28.83
CA TYR B 133 16.00 20.60 29.13
C TYR B 133 16.51 20.71 30.56
N ASP B 134 15.69 21.31 31.42
CA ASP B 134 16.03 21.58 32.81
C ASP B 134 16.10 20.27 33.60
N GLY B 135 17.30 19.95 34.10
CA GLY B 135 17.57 18.68 34.78
C GLY B 135 17.16 18.59 36.25
N ARG B 136 16.58 19.65 36.82
CA ARG B 136 16.37 19.70 38.25
C ARG B 136 15.36 18.66 38.73
N PHE B 137 14.36 18.36 37.90
CA PHE B 137 13.26 17.49 38.31
C PHE B 137 13.72 16.03 38.37
N LEU B 138 14.43 15.61 37.33
CA LEU B 138 15.00 14.26 37.30
C LEU B 138 15.99 14.02 38.44
N ALA B 139 16.79 15.04 38.76
CA ALA B 139 17.78 14.96 39.83
C ALA B 139 17.09 14.85 41.19
N GLN B 140 16.15 15.74 41.45
CA GLN B 140 15.44 15.78 42.74
C GLN B 140 14.56 14.54 42.97
N VAL B 141 13.69 14.23 42.02
CA VAL B 141 12.67 13.19 42.21
C VAL B 141 13.23 11.77 42.09
N GLU B 142 14.03 11.55 41.06
CA GLU B 142 14.59 10.23 40.75
C GLU B 142 16.02 9.99 41.25
N GLY B 143 16.62 11.02 41.85
CA GLY B 143 17.96 10.91 42.43
C GLY B 143 19.06 10.77 41.40
N ALA B 144 18.79 11.17 40.16
CA ALA B 144 19.72 10.99 39.04
C ALA B 144 20.74 12.11 38.96
N VAL B 145 21.90 11.80 38.37
CA VAL B 145 22.84 12.81 37.99
C VAL B 145 22.62 13.08 36.51
N LEU B 146 22.26 14.31 36.19
CA LEU B 146 21.97 14.69 34.80
C LEU B 146 23.01 15.63 34.20
N VAL B 147 23.48 15.33 32.98
CA VAL B 147 24.48 16.17 32.30
C VAL B 147 23.94 16.60 30.94
N SER B 148 24.23 17.84 30.54
CA SER B 148 23.96 18.31 29.17
C SER B 148 25.11 19.19 28.69
N MET B 149 25.48 19.07 27.43
CA MET B 149 26.56 19.87 26.85
C MET B 149 26.08 20.68 25.68
N ASN B 150 26.74 21.82 25.44
CA ASN B 150 26.64 22.53 24.17
C ASN B 150 27.62 21.89 23.19
N TYR B 151 27.21 21.77 21.94
CA TYR B 151 28.09 21.33 20.88
C TYR B 151 27.88 22.22 19.68
N ARG B 152 28.93 22.42 18.91
CA ARG B 152 28.88 23.32 17.76
C ARG B 152 27.88 22.83 16.72
N VAL B 153 27.11 23.77 16.14
CA VAL B 153 26.07 23.46 15.17
C VAL B 153 26.35 24.30 13.90
N GLY B 154 25.63 24.00 12.84
CA GLY B 154 25.76 24.72 11.56
C GLY B 154 27.11 24.51 10.92
N THR B 155 27.58 25.52 10.19
CA THR B 155 28.91 25.51 9.58
C THR B 155 30.02 25.29 10.63
N PHE B 156 29.83 25.89 11.81
CA PHE B 156 30.84 25.84 12.86
C PHE B 156 31.06 24.43 13.39
N GLY B 157 30.00 23.65 13.42
CA GLY B 157 30.09 22.27 13.92
C GLY B 157 30.27 21.21 12.83
N PHE B 158 29.78 21.50 11.63
CA PHE B 158 29.68 20.48 10.59
C PHE B 158 30.14 20.82 9.17
N LEU B 159 30.58 22.05 8.94
CA LEU B 159 31.23 22.37 7.64
C LEU B 159 32.48 21.52 7.47
N ALA B 160 32.59 20.87 6.32
CA ALA B 160 33.64 19.87 6.14
C ALA B 160 34.18 19.99 4.73
N LEU B 161 35.50 19.97 4.63
CA LEU B 161 36.20 19.70 3.39
C LEU B 161 36.90 18.36 3.61
N PRO B 162 36.20 17.24 3.31
CA PRO B 162 36.70 15.91 3.70
C PRO B 162 38.11 15.62 3.19
N GLY B 163 38.92 14.99 4.04
CA GLY B 163 40.33 14.75 3.75
C GLY B 163 41.24 15.87 4.18
N SER B 164 40.68 17.02 4.55
CA SER B 164 41.45 18.17 5.00
C SER B 164 41.83 18.03 6.47
N ARG B 165 42.98 18.60 6.82
CA ARG B 165 43.43 18.63 8.21
C ARG B 165 42.63 19.70 8.95
N GLU B 166 42.34 20.78 8.23
CA GLU B 166 41.81 22.01 8.82
C GLU B 166 40.30 21.99 9.08
N ALA B 167 39.53 21.29 8.25
CA ALA B 167 38.06 21.13 8.42
C ALA B 167 37.64 19.70 8.07
N PRO B 168 38.01 18.73 8.94
CA PRO B 168 37.84 17.30 8.63
C PRO B 168 36.39 16.78 8.72
N GLY B 169 35.50 17.55 9.35
CA GLY B 169 34.09 17.18 9.49
C GLY B 169 33.77 16.60 10.86
N ASN B 170 32.49 16.59 11.18
CA ASN B 170 31.97 15.97 12.40
C ASN B 170 32.52 16.54 13.74
N VAL B 171 33.01 17.77 13.73
CA VAL B 171 33.65 18.31 14.92
C VAL B 171 32.63 18.52 16.05
N GLY B 172 31.38 18.85 15.70
CA GLY B 172 30.30 18.94 16.68
C GLY B 172 30.01 17.62 17.37
N LEU B 173 30.20 16.50 16.67
CA LEU B 173 30.09 15.18 17.32
C LEU B 173 31.31 14.89 18.18
N LEU B 174 32.48 15.34 17.75
CA LEU B 174 33.67 15.29 18.59
C LEU B 174 33.53 16.16 19.85
N ASP B 175 32.82 17.29 19.75
CA ASP B 175 32.51 18.09 20.94
C ASP B 175 31.74 17.20 21.91
N GLN B 176 30.69 16.55 21.44
CA GLN B 176 29.88 15.68 22.27
C GLN B 176 30.71 14.60 22.94
N ARG B 177 31.56 13.94 22.17
CA ARG B 177 32.41 12.87 22.68
C ARG B 177 33.35 13.37 23.76
N LEU B 178 33.93 14.56 23.53
CA LEU B 178 34.78 15.19 24.53
C LEU B 178 34.02 15.39 25.85
N ALA B 179 32.76 15.81 25.79
CA ALA B 179 31.92 15.92 27.02
C ALA B 179 31.70 14.55 27.66
N LEU B 180 31.58 13.53 26.83
CA LEU B 180 31.41 12.17 27.35
C LEU B 180 32.67 11.71 28.10
N GLN B 181 33.84 12.01 27.55
CA GLN B 181 35.13 11.67 28.19
C GLN B 181 35.28 12.41 29.51
N TRP B 182 34.86 13.67 29.53
CA TRP B 182 34.82 14.50 30.73
C TRP B 182 33.99 13.86 31.82
N VAL B 183 32.84 13.33 31.45
CA VAL B 183 31.98 12.64 32.42
C VAL B 183 32.70 11.39 32.97
N GLN B 184 33.38 10.63 32.13
CA GLN B 184 34.11 9.45 32.63
C GLN B 184 35.14 9.87 33.68
N GLU B 185 35.85 10.95 33.40
CA GLU B 185 36.93 11.43 34.27
C GLU B 185 36.46 12.16 35.52
N ASN B 186 35.31 12.83 35.45
CA ASN B 186 34.94 13.79 36.49
C ASN B 186 33.65 13.53 37.26
N ILE B 187 32.76 12.71 36.72
CA ILE B 187 31.41 12.66 37.23
C ILE B 187 31.33 12.02 38.63
N ALA B 188 32.28 11.14 38.96
CA ALA B 188 32.37 10.58 40.31
C ALA B 188 32.50 11.66 41.38
N ALA B 189 33.12 12.80 41.05
CA ALA B 189 33.20 13.92 42.01
C ALA B 189 31.83 14.49 42.39
N PHE B 190 30.83 14.30 41.53
CA PHE B 190 29.47 14.78 41.79
C PHE B 190 28.56 13.69 42.35
N GLY B 191 29.11 12.49 42.54
CA GLY B 191 28.34 11.33 42.97
C GLY B 191 27.80 10.48 41.84
N GLY B 192 28.17 10.79 40.59
CA GLY B 192 27.74 10.00 39.44
C GLY B 192 28.54 8.72 39.34
N ASP B 193 27.95 7.70 38.72
CA ASP B 193 28.61 6.42 38.43
C ASP B 193 29.05 6.39 36.97
N PRO B 194 30.37 6.50 36.71
CA PRO B 194 30.81 6.50 35.31
C PRO B 194 30.67 5.13 34.64
N MET B 195 30.42 4.10 35.44
CA MET B 195 30.14 2.76 34.92
C MET B 195 28.67 2.54 34.61
N SER B 196 27.86 3.58 34.77
CA SER B 196 26.45 3.55 34.36
C SER B 196 26.06 4.88 33.73
N VAL B 197 26.37 5.03 32.45
CA VAL B 197 26.05 6.24 31.71
C VAL B 197 25.07 5.93 30.59
N THR B 198 23.98 6.71 30.54
CA THR B 198 22.97 6.57 29.53
C THR B 198 22.86 7.86 28.75
N LEU B 199 23.06 7.75 27.44
CA LEU B 199 22.87 8.88 26.56
C LEU B 199 21.41 8.94 26.18
N PHE B 200 20.82 10.11 26.20
CA PHE B 200 19.52 10.30 25.60
C PHE B 200 19.54 11.60 24.85
N GLY B 201 18.81 11.63 23.72
CA GLY B 201 18.58 12.88 23.00
C GLY B 201 17.38 12.79 22.07
N GLU B 202 17.00 13.93 21.47
CA GLU B 202 15.85 14.02 20.58
C GLU B 202 16.18 14.69 19.24
N SER B 203 15.52 14.23 18.17
CA SER B 203 15.74 14.73 16.81
C SER B 203 17.23 14.56 16.47
N ALA B 204 17.93 15.62 16.07
CA ALA B 204 19.36 15.50 15.73
C ALA B 204 20.20 15.03 16.92
N GLY B 205 19.68 15.20 18.13
CA GLY B 205 20.35 14.66 19.30
C GLY B 205 20.28 13.15 19.36
N ALA B 206 19.12 12.59 18.99
CA ALA B 206 18.92 11.15 18.91
C ALA B 206 19.83 10.60 17.83
N ALA B 207 19.88 11.28 16.69
CA ALA B 207 20.80 10.87 15.64
C ALA B 207 22.23 10.84 16.16
N SER B 208 22.59 11.87 16.94
CA SER B 208 23.92 11.94 17.54
C SER B 208 24.19 10.74 18.44
N VAL B 209 23.26 10.44 19.35
CA VAL B 209 23.36 9.24 20.19
C VAL B 209 23.63 7.98 19.35
N GLY B 210 22.93 7.84 18.22
CA GLY B 210 23.14 6.69 17.32
C GLY B 210 24.49 6.69 16.62
N MET B 211 24.98 7.88 16.27
CA MET B 211 26.34 8.01 15.79
C MET B 211 27.39 7.56 16.84
N HIS B 212 27.17 7.83 18.11
CA HIS B 212 28.05 7.32 19.16
C HIS B 212 27.97 5.79 19.31
N ILE B 213 26.79 5.21 19.14
CA ILE B 213 26.66 3.74 19.10
C ILE B 213 27.48 3.13 17.96
N LEU B 214 27.51 3.83 16.83
CA LEU B 214 28.16 3.32 15.61
C LEU B 214 29.63 3.72 15.46
N SER B 215 30.18 4.45 16.43
CA SER B 215 31.58 4.86 16.40
C SER B 215 32.31 4.31 17.62
N LEU B 216 33.26 3.41 17.37
CA LEU B 216 33.91 2.59 18.41
C LEU B 216 34.55 3.38 19.54
N PRO B 217 35.29 4.46 19.23
CA PRO B 217 35.87 5.26 20.32
C PRO B 217 34.86 5.84 21.32
N SER B 218 33.61 6.04 20.90
CA SER B 218 32.55 6.50 21.81
C SER B 218 31.98 5.40 22.68
N ARG B 219 32.12 4.15 22.25
CA ARG B 219 31.44 3.03 22.90
C ARG B 219 31.97 2.71 24.28
N SER B 220 33.21 3.08 24.54
CA SER B 220 33.75 2.87 25.88
C SER B 220 33.30 3.97 26.84
N LEU B 221 32.47 4.90 26.37
CA LEU B 221 32.08 6.08 27.16
C LEU B 221 30.62 6.07 27.62
N PHE B 222 29.87 5.03 27.27
CA PHE B 222 28.50 4.88 27.74
C PHE B 222 28.08 3.42 27.64
N HIS B 223 26.98 3.11 28.32
CA HIS B 223 26.48 1.76 28.44
C HIS B 223 25.10 1.53 27.81
N ARG B 224 24.26 2.57 27.79
CA ARG B 224 22.90 2.49 27.21
C ARG B 224 22.56 3.78 26.45
N ALA B 225 21.51 3.71 25.63
CA ALA B 225 21.11 4.79 24.71
C ALA B 225 19.60 4.92 24.60
N VAL B 226 19.14 6.16 24.46
CA VAL B 226 17.75 6.48 24.16
C VAL B 226 17.71 7.42 22.98
N LEU B 227 16.96 7.04 21.95
CA LEU B 227 16.83 7.84 20.71
C LEU B 227 15.39 8.22 20.54
N GLN B 228 15.08 9.49 20.81
CA GLN B 228 13.74 10.03 20.69
C GLN B 228 13.61 10.75 19.34
N SER B 229 12.77 10.21 18.47
CA SER B 229 12.39 10.88 17.23
C SER B 229 13.60 11.25 16.37
N GLY B 230 14.54 10.33 16.20
CA GLY B 230 15.73 10.59 15.42
C GLY B 230 16.67 9.40 15.35
N THR B 231 17.42 9.32 14.27
CA THR B 231 18.21 8.14 13.94
C THR B 231 19.43 8.55 13.12
N PRO B 232 20.55 7.80 13.24
CA PRO B 232 21.72 8.09 12.42
C PRO B 232 21.48 7.74 10.96
N ASN B 233 20.76 6.65 10.73
CA ASN B 233 20.30 6.26 9.40
C ASN B 233 19.20 7.22 8.95
N GLY B 234 18.91 7.24 7.66
CA GLY B 234 17.80 8.04 7.15
C GLY B 234 18.23 9.26 6.35
N PRO B 235 17.25 9.98 5.80
CA PRO B 235 17.49 10.93 4.71
C PRO B 235 18.19 12.26 5.05
N TRP B 236 18.21 12.65 6.33
CA TRP B 236 18.66 14.00 6.70
C TRP B 236 19.87 14.06 7.64
N ALA B 237 20.21 12.94 8.29
CA ALA B 237 21.16 12.97 9.40
C ALA B 237 22.61 12.90 8.96
N THR B 238 22.87 12.46 7.72
CA THR B 238 24.22 12.42 7.18
C THR B 238 24.28 12.86 5.71
N VAL B 239 25.48 13.22 5.28
CA VAL B 239 25.78 13.44 3.87
C VAL B 239 27.06 12.68 3.50
N SER B 240 27.21 12.40 2.20
CA SER B 240 28.44 11.81 1.69
C SER B 240 29.55 12.85 1.79
N ALA B 241 30.80 12.40 1.62
CA ALA B 241 31.95 13.32 1.59
C ALA B 241 31.86 14.28 0.42
N GLY B 242 31.56 13.75 -0.76
CA GLY B 242 31.36 14.57 -1.96
C GLY B 242 30.36 15.71 -1.80
N GLU B 243 29.23 15.45 -1.15
CA GLU B 243 28.18 16.44 -1.01
C GLU B 243 28.53 17.49 0.05
N ALA B 244 29.21 17.05 1.10
CA ALA B 244 29.73 17.96 2.14
C ALA B 244 30.69 18.98 1.52
N ARG B 245 31.61 18.47 0.69
CA ARG B 245 32.61 19.30 0.00
C ARG B 245 31.98 20.32 -0.93
N ARG B 246 30.95 19.88 -1.62
CA ARG B 246 30.20 20.70 -2.56
C ARG B 246 29.49 21.85 -1.82
N ARG B 247 28.85 21.51 -0.70
CA ARG B 247 28.15 22.53 0.11
C ARG B 247 29.10 23.54 0.78
N ALA B 248 30.25 23.08 1.25
CA ALA B 248 31.25 23.94 1.86
C ALA B 248 31.87 24.87 0.83
N THR B 249 32.13 24.34 -0.37
CA THR B 249 32.69 25.11 -1.48
C THR B 249 31.73 26.19 -1.99
N LEU B 250 30.46 25.84 -2.11
CA LEU B 250 29.43 26.80 -2.50
C LEU B 250 29.30 27.92 -1.45
N LEU B 251 29.21 27.56 -0.16
CA LEU B 251 29.10 28.57 0.90
C LEU B 251 30.28 29.54 0.85
N ALA B 252 31.48 29.00 0.70
CA ALA B 252 32.68 29.81 0.57
C ALA B 252 32.54 30.78 -0.59
N ARG B 253 32.11 30.27 -1.76
CA ARG B 253 31.93 31.14 -2.94
C ARG B 253 30.92 32.25 -2.60
N LEU B 254 29.85 31.90 -1.90
CA LEU B 254 28.79 32.86 -1.56
C LEU B 254 29.24 33.98 -0.62
N VAL B 255 30.20 33.68 0.27
CA VAL B 255 30.75 34.69 1.18
C VAL B 255 32.05 35.33 0.62
N GLY B 256 32.46 34.92 -0.57
CA GLY B 256 33.57 35.57 -1.28
C GLY B 256 34.93 34.92 -1.12
N CYS B 257 34.97 33.60 -0.92
CA CYS B 257 36.25 32.90 -0.67
C CYS B 257 36.76 32.02 -1.82
N PRO B 258 38.11 31.84 -1.94
CA PRO B 258 39.16 32.52 -1.21
C PRO B 258 39.73 33.67 -2.05
N GLY B 263 38.50 29.47 -7.17
CA GLY B 263 38.91 28.91 -5.89
C GLY B 263 40.34 28.39 -5.86
N GLY B 264 40.56 27.31 -5.13
CA GLY B 264 41.88 26.67 -5.01
C GLY B 264 42.02 25.97 -3.67
N ASN B 265 43.19 25.36 -3.44
CA ASN B 265 43.66 24.81 -2.14
C ASN B 265 42.65 24.81 -0.98
N ASP B 266 42.45 23.66 -0.34
CA ASP B 266 41.60 23.58 0.86
C ASP B 266 42.05 24.57 1.93
N THR B 267 43.34 24.55 2.25
CA THR B 267 43.94 25.42 3.26
C THR B 267 43.57 26.89 3.04
N GLU B 268 43.72 27.36 1.80
CA GLU B 268 43.43 28.74 1.45
C GLU B 268 41.93 29.04 1.58
N LEU B 269 41.09 28.13 1.11
CA LEU B 269 39.64 28.29 1.21
C LEU B 269 39.23 28.35 2.69
N ILE B 270 39.74 27.44 3.49
CA ILE B 270 39.37 27.36 4.91
C ILE B 270 39.89 28.57 5.68
N ALA B 271 41.11 29.01 5.35
CA ALA B 271 41.69 30.22 5.94
C ALA B 271 40.81 31.44 5.68
N CYS B 272 40.30 31.58 4.46
CA CYS B 272 39.42 32.68 4.13
C CYS B 272 38.08 32.58 4.88
N LEU B 273 37.58 31.36 5.07
CA LEU B 273 36.33 31.17 5.81
C LEU B 273 36.51 31.57 7.27
N ARG B 274 37.70 31.36 7.82
CA ARG B 274 37.99 31.75 9.20
C ARG B 274 38.03 33.27 9.41
N THR B 275 38.21 34.05 8.34
CA THR B 275 38.19 35.51 8.45
C THR B 275 36.78 36.09 8.55
N ARG B 276 35.76 35.30 8.23
CA ARG B 276 34.43 35.86 8.06
C ARG B 276 33.69 35.99 9.38
N PRO B 277 33.09 37.15 9.64
CA PRO B 277 32.19 37.28 10.77
C PRO B 277 31.19 36.11 10.82
N ALA B 278 30.86 35.67 12.03
CA ALA B 278 30.02 34.47 12.20
C ALA B 278 28.66 34.61 11.54
N GLN B 279 28.05 35.80 11.63
CA GLN B 279 26.74 36.03 11.02
C GLN B 279 26.77 35.98 9.50
N ASP B 280 27.91 36.30 8.88
CA ASP B 280 28.06 36.20 7.42
C ASP B 280 27.89 34.74 6.98
N LEU B 281 28.40 33.81 7.79
CA LEU B 281 28.29 32.36 7.51
C LEU B 281 26.85 31.87 7.66
N VAL B 282 26.22 32.26 8.77
CA VAL B 282 24.81 31.96 9.01
C VAL B 282 23.89 32.56 7.93
N ASP B 283 24.19 33.77 7.45
CA ASP B 283 23.32 34.40 6.44
C ASP B 283 23.14 33.57 5.15
N HIS B 284 24.16 32.80 4.78
CA HIS B 284 24.12 32.01 3.56
C HIS B 284 24.00 30.49 3.80
N GLU B 285 23.81 30.11 5.05
CA GLU B 285 23.77 28.70 5.44
C GLU B 285 22.73 27.88 4.66
N TRP B 286 21.56 28.48 4.46
CA TRP B 286 20.42 27.78 3.83
C TRP B 286 20.50 27.71 2.30
N HIS B 287 21.32 28.55 1.69
CA HIS B 287 21.36 28.66 0.24
C HIS B 287 22.14 27.56 -0.48
N VAL B 288 22.70 26.61 0.26
CA VAL B 288 23.56 25.57 -0.34
C VAL B 288 22.85 24.21 -0.54
N LEU B 289 21.61 24.08 -0.07
CA LEU B 289 20.83 22.87 -0.28
C LEU B 289 20.48 22.72 -1.77
N PRO B 290 20.61 21.51 -2.32
CA PRO B 290 20.38 21.30 -3.76
C PRO B 290 18.94 21.48 -4.24
N GLN B 291 17.97 21.40 -3.33
CA GLN B 291 16.55 21.45 -3.68
C GLN B 291 15.74 22.31 -2.71
N GLU B 292 14.59 22.77 -3.19
CA GLU B 292 13.55 23.34 -2.33
C GLU B 292 13.03 22.20 -1.44
N SER B 293 13.20 22.31 -0.13
CA SER B 293 12.91 21.19 0.75
C SER B 293 12.46 21.60 2.14
N ILE B 294 11.96 20.63 2.89
CA ILE B 294 11.79 20.75 4.34
C ILE B 294 12.40 19.52 4.99
N PHE B 295 12.69 19.63 6.29
CA PHE B 295 13.38 18.59 7.04
C PHE B 295 14.70 18.22 6.36
N ARG B 296 15.37 19.23 5.81
CA ARG B 296 16.73 19.08 5.31
C ARG B 296 17.60 20.21 5.83
N PHE B 297 18.83 19.87 6.20
CA PHE B 297 19.74 20.81 6.89
C PHE B 297 21.11 20.76 6.22
N SER B 298 21.69 21.94 6.02
CA SER B 298 22.83 22.13 5.12
C SER B 298 24.11 21.48 5.63
N PHE B 299 24.40 21.69 6.92
CA PHE B 299 25.65 21.18 7.52
C PHE B 299 25.35 20.20 8.64
N VAL B 300 25.63 18.92 8.35
CA VAL B 300 25.28 17.78 9.20
C VAL B 300 26.47 16.79 9.17
N PRO B 301 26.48 15.78 10.05
CA PRO B 301 27.53 14.77 10.09
C PRO B 301 27.79 14.16 8.73
N VAL B 302 29.06 13.90 8.43
CA VAL B 302 29.49 13.46 7.12
C VAL B 302 30.13 12.09 7.20
N VAL B 303 29.84 11.23 6.23
CA VAL B 303 30.47 9.91 6.18
C VAL B 303 31.92 10.08 5.71
N ASP B 304 32.80 10.23 6.70
CA ASP B 304 34.22 10.59 6.49
C ASP B 304 35.17 9.40 6.41
N GLY B 305 34.71 8.21 6.78
CA GLY B 305 35.56 7.03 6.87
C GLY B 305 36.42 7.04 8.13
N ASP B 306 36.04 7.87 9.11
CA ASP B 306 36.80 8.01 10.35
C ASP B 306 35.83 7.93 11.52
N PHE B 307 35.18 9.04 11.87
CA PHE B 307 34.16 9.01 12.92
C PHE B 307 33.15 7.95 12.53
N LEU B 308 32.67 8.05 11.30
CA LEU B 308 31.80 7.06 10.69
C LEU B 308 32.62 6.32 9.66
N SER B 309 32.96 5.07 9.95
CA SER B 309 33.82 4.27 9.07
C SER B 309 33.13 3.84 7.77
N ASP B 310 31.80 3.77 7.80
CA ASP B 310 30.97 3.51 6.60
C ASP B 310 29.66 4.27 6.82
N THR B 311 28.71 4.16 5.89
CA THR B 311 27.37 4.74 6.09
C THR B 311 26.66 4.14 7.32
N PRO B 312 25.80 4.91 7.99
CA PRO B 312 25.00 4.34 9.08
C PRO B 312 24.26 3.08 8.65
N GLU B 313 23.78 3.04 7.40
CA GLU B 313 23.09 1.87 6.87
C GLU B 313 24.00 0.65 6.91
N ALA B 314 25.20 0.80 6.37
CA ALA B 314 26.19 -0.28 6.37
C ALA B 314 26.52 -0.72 7.80
N LEU B 315 26.69 0.24 8.70
CA LEU B 315 27.09 -0.01 10.08
C LEU B 315 25.96 -0.65 10.93
N ILE B 316 24.71 -0.24 10.73
CA ILE B 316 23.58 -0.89 11.43
C ILE B 316 23.36 -2.33 10.90
N ASN B 317 23.50 -2.54 9.59
CA ASN B 317 23.30 -3.87 9.01
C ASN B 317 24.36 -4.91 9.39
N THR B 318 25.58 -4.48 9.65
CA THR B 318 26.70 -5.40 9.87
C THR B 318 27.31 -5.31 11.26
N GLY B 319 26.67 -4.60 12.18
CA GLY B 319 27.23 -4.42 13.53
C GLY B 319 26.93 -5.59 14.44
N ASP B 320 27.66 -5.67 15.55
CA ASP B 320 27.33 -6.57 16.65
C ASP B 320 26.98 -5.71 17.86
N PHE B 321 25.75 -5.88 18.36
CA PHE B 321 25.20 -5.03 19.40
C PHE B 321 24.75 -5.82 20.63
N GLN B 322 25.44 -6.92 20.91
CA GLN B 322 24.98 -7.90 21.90
C GLN B 322 24.88 -7.40 23.35
N ASP B 323 25.84 -6.61 23.81
CA ASP B 323 25.78 -6.10 25.20
C ASP B 323 25.27 -4.63 25.25
N LEU B 324 24.32 -4.29 24.36
CA LEU B 324 23.72 -2.96 24.30
C LEU B 324 22.22 -2.99 24.60
N GLN B 325 21.73 -1.99 25.32
CA GLN B 325 20.32 -1.79 25.52
C GLN B 325 19.92 -0.42 24.99
N VAL B 326 18.80 -0.36 24.27
CA VAL B 326 18.32 0.86 23.59
C VAL B 326 16.84 1.08 23.81
N LEU B 327 16.44 2.33 24.01
CA LEU B 327 15.04 2.72 24.05
C LEU B 327 14.82 3.73 22.92
N VAL B 328 13.90 3.41 22.01
CA VAL B 328 13.63 4.27 20.86
C VAL B 328 12.14 4.56 20.77
N GLY B 329 11.79 5.72 20.21
CA GLY B 329 10.40 5.95 19.89
C GLY B 329 10.15 7.20 19.09
N VAL B 330 8.87 7.52 18.92
CA VAL B 330 8.40 8.60 18.07
C VAL B 330 7.18 9.28 18.71
N VAL B 331 6.85 10.47 18.25
CA VAL B 331 5.64 11.16 18.70
C VAL B 331 4.55 10.91 17.69
N LYS B 332 3.31 11.24 18.04
CA LYS B 332 2.18 10.84 17.24
C LYS B 332 2.17 11.54 15.89
N ASP B 333 2.63 12.79 15.83
CA ASP B 333 2.57 13.59 14.60
C ASP B 333 3.92 14.21 14.25
N GLU B 334 4.88 13.36 13.90
CA GLU B 334 6.24 13.78 13.62
C GLU B 334 6.38 14.84 12.52
N GLY B 335 5.48 14.83 11.53
CA GLY B 335 5.65 15.71 10.37
C GLY B 335 5.06 17.11 10.43
N SER B 336 4.08 17.33 11.31
CA SER B 336 3.30 18.59 11.27
C SER B 336 4.15 19.86 11.41
N TYR B 337 5.08 19.84 12.37
CA TYR B 337 5.97 20.97 12.63
C TYR B 337 6.64 21.55 11.38
N PHE B 338 7.11 20.66 10.50
CA PHE B 338 7.99 21.06 9.40
C PHE B 338 7.23 21.62 8.20
N LEU B 339 5.93 21.37 8.14
CA LEU B 339 5.12 21.73 6.98
C LEU B 339 4.97 23.25 6.87
N VAL B 340 4.91 23.93 8.02
CA VAL B 340 4.71 25.39 8.06
C VAL B 340 5.94 26.19 7.63
N TYR B 341 7.07 25.48 7.45
CA TYR B 341 8.35 26.08 7.08
C TYR B 341 8.66 25.97 5.60
N GLY B 342 7.70 25.63 4.76
CA GLY B 342 8.04 25.46 3.34
C GLY B 342 6.96 25.02 2.38
N VAL B 343 5.99 24.25 2.85
CA VAL B 343 4.93 23.74 1.98
C VAL B 343 3.78 24.73 1.88
N PRO B 344 3.48 25.22 0.67
CA PRO B 344 2.35 26.13 0.52
C PRO B 344 1.00 25.55 0.98
N GLY B 345 0.21 26.39 1.64
CA GLY B 345 -1.08 26.00 2.18
C GLY B 345 -1.07 25.74 3.68
N PHE B 346 0.11 25.66 4.28
CA PHE B 346 0.25 25.29 5.69
C PHE B 346 0.64 26.47 6.55
N SER B 347 -0.05 26.61 7.69
CA SER B 347 0.15 27.73 8.60
C SER B 347 -0.32 27.39 9.99
N LYS B 348 0.28 28.01 11.01
CA LYS B 348 -0.20 27.89 12.38
C LYS B 348 -1.51 28.64 12.54
N ASP B 349 -1.74 29.60 11.65
CA ASP B 349 -2.83 30.56 11.83
C ASP B 349 -4.15 30.15 11.18
N ASN B 350 -4.15 29.05 10.43
CA ASN B 350 -5.41 28.48 9.94
C ASN B 350 -5.42 26.95 10.01
N GLU B 351 -6.55 26.38 9.62
CA GLU B 351 -6.77 24.95 9.71
C GLU B 351 -5.97 24.14 8.67
N SER B 352 -5.33 24.85 7.72
CA SER B 352 -4.41 24.25 6.75
C SER B 352 -5.06 23.15 5.91
N LEU B 353 -6.30 23.41 5.49
CA LEU B 353 -7.02 22.48 4.63
C LEU B 353 -6.55 22.75 3.21
N ILE B 354 -5.93 21.75 2.60
CA ILE B 354 -5.25 21.95 1.32
C ILE B 354 -5.92 21.22 0.15
N SER B 355 -5.64 21.70 -1.05
CA SER B 355 -6.09 21.07 -2.28
C SER B 355 -5.25 19.86 -2.60
N ARG B 356 -5.75 19.02 -3.49
CA ARG B 356 -4.96 17.91 -4.01
C ARG B 356 -3.71 18.41 -4.73
N ALA B 357 -3.86 19.52 -5.46
CA ALA B 357 -2.75 20.13 -6.18
C ALA B 357 -1.63 20.52 -5.23
N GLN B 358 -2.01 21.08 -4.08
CA GLN B 358 -1.07 21.48 -3.04
C GLN B 358 -0.42 20.27 -2.36
N PHE B 359 -1.13 19.15 -2.34
CA PHE B 359 -0.61 17.90 -1.83
C PHE B 359 0.49 17.35 -2.74
N LEU B 360 0.23 17.29 -4.05
CA LEU B 360 1.24 16.82 -5.00
C LEU B 360 2.50 17.68 -4.94
N ALA B 361 2.30 19.00 -4.86
CA ALA B 361 3.41 19.97 -4.77
C ALA B 361 4.20 19.79 -3.49
N GLY B 362 3.48 19.65 -2.38
CA GLY B 362 4.11 19.44 -1.07
C GLY B 362 4.96 18.20 -0.98
N VAL B 363 4.56 17.13 -1.67
CA VAL B 363 5.34 15.88 -1.71
C VAL B 363 6.71 16.07 -2.37
N ARG B 364 6.81 16.93 -3.39
CA ARG B 364 8.10 17.17 -4.03
C ARG B 364 9.05 17.90 -3.07
N ILE B 365 8.47 18.71 -2.17
CA ILE B 365 9.23 19.49 -1.19
C ILE B 365 9.54 18.65 0.03
N GLY B 366 8.58 17.82 0.44
CA GLY B 366 8.73 16.94 1.59
C GLY B 366 9.59 15.72 1.33
N VAL B 367 9.72 15.33 0.06
CA VAL B 367 10.54 14.20 -0.33
C VAL B 367 11.43 14.66 -1.51
N PRO B 368 12.35 15.61 -1.25
CA PRO B 368 13.07 16.32 -2.31
C PRO B 368 14.04 15.49 -3.16
N GLN B 369 14.40 14.29 -2.69
CA GLN B 369 15.30 13.43 -3.47
C GLN B 369 14.52 12.50 -4.37
N ALA B 370 13.19 12.52 -4.27
CA ALA B 370 12.33 11.63 -5.06
C ALA B 370 12.28 12.01 -6.53
N SER B 371 12.34 11.00 -7.39
CA SER B 371 12.12 11.17 -8.82
C SER B 371 10.63 11.40 -9.07
N ASP B 372 10.26 11.70 -10.30
CA ASP B 372 8.86 11.88 -10.64
C ASP B 372 8.09 10.60 -10.29
N LEU B 373 8.66 9.45 -10.64
CA LEU B 373 8.01 8.14 -10.43
C LEU B 373 7.87 7.74 -8.96
N ALA B 374 8.90 8.06 -8.16
CA ALA B 374 8.89 7.78 -6.73
C ALA B 374 7.90 8.70 -6.00
N ALA B 375 7.82 9.95 -6.45
CA ALA B 375 6.84 10.91 -5.94
C ALA B 375 5.42 10.47 -6.29
N GLU B 376 5.21 9.97 -7.51
CA GLU B 376 3.91 9.41 -7.89
C GLU B 376 3.57 8.24 -6.95
N ALA B 377 4.53 7.35 -6.70
CA ALA B 377 4.31 6.24 -5.78
C ALA B 377 3.92 6.70 -4.38
N VAL B 378 4.50 7.81 -3.91
CA VAL B 378 4.19 8.32 -2.58
C VAL B 378 2.77 8.90 -2.57
N VAL B 379 2.44 9.71 -3.58
CA VAL B 379 1.11 10.28 -3.68
C VAL B 379 0.07 9.16 -3.75
N LEU B 380 0.33 8.13 -4.53
CA LEU B 380 -0.65 7.08 -4.71
C LEU B 380 -0.82 6.22 -3.45
N HIS B 381 0.26 6.02 -2.71
CA HIS B 381 0.23 5.23 -1.47
C HIS B 381 -0.44 5.98 -0.29
N TYR B 382 -0.30 7.29 -0.26
CA TYR B 382 -0.85 8.11 0.83
C TYR B 382 -2.21 8.73 0.54
N THR B 383 -2.69 8.64 -0.70
CA THR B 383 -4.04 9.07 -1.04
C THR B 383 -5.04 8.09 -0.44
N ASP B 384 -6.10 8.63 0.14
CA ASP B 384 -7.29 7.86 0.48
C ASP B 384 -8.17 7.85 -0.76
N TRP B 385 -8.25 6.70 -1.42
CA TRP B 385 -8.96 6.62 -2.69
C TRP B 385 -10.47 6.66 -2.55
N LEU B 386 -10.96 6.55 -1.32
CA LEU B 386 -12.36 6.83 -1.02
C LEU B 386 -12.65 8.34 -0.87
N HIS B 387 -11.65 9.11 -0.45
CA HIS B 387 -11.77 10.57 -0.24
C HIS B 387 -10.54 11.29 -0.82
N PRO B 388 -10.29 11.12 -2.13
CA PRO B 388 -9.05 11.57 -2.77
C PRO B 388 -8.81 13.07 -2.83
N GLU B 389 -9.86 13.88 -2.73
CA GLU B 389 -9.71 15.33 -2.81
C GLU B 389 -10.16 16.02 -1.52
N ASP B 390 -10.38 15.24 -0.46
CA ASP B 390 -10.78 15.81 0.83
C ASP B 390 -9.59 16.50 1.51
N PRO B 391 -9.71 17.82 1.74
CA PRO B 391 -8.60 18.62 2.28
C PRO B 391 -8.06 18.19 3.66
N THR B 392 -8.93 17.68 4.53
CA THR B 392 -8.50 17.23 5.87
C THR B 392 -7.60 16.01 5.73
N HIS B 393 -8.00 15.07 4.86
CA HIS B 393 -7.20 13.88 4.59
C HIS B 393 -5.89 14.27 3.93
N LEU B 394 -5.94 15.19 2.99
CA LEU B 394 -4.74 15.60 2.24
C LEU B 394 -3.72 16.26 3.16
N ARG B 395 -4.20 17.12 4.06
CA ARG B 395 -3.35 17.78 5.05
C ARG B 395 -2.68 16.77 5.98
N ASP B 396 -3.46 15.87 6.57
CA ASP B 396 -2.92 14.86 7.49
C ASP B 396 -1.99 13.87 6.79
N ALA B 397 -2.29 13.55 5.53
CA ALA B 397 -1.43 12.69 4.72
C ALA B 397 -0.09 13.35 4.44
N MET B 398 -0.10 14.66 4.21
CA MET B 398 1.13 15.45 3.99
C MET B 398 2.03 15.39 5.23
N SER B 399 1.41 15.59 6.40
CA SER B 399 2.10 15.44 7.65
C SER B 399 2.70 14.05 7.77
N ALA B 400 1.91 13.03 7.47
CA ALA B 400 2.35 11.62 7.57
C ALA B 400 3.52 11.28 6.66
N VAL B 401 3.49 11.77 5.43
CA VAL B 401 4.59 11.56 4.49
C VAL B 401 5.91 12.03 5.09
N VAL B 402 5.91 13.28 5.53
CA VAL B 402 7.11 13.94 6.04
C VAL B 402 7.58 13.22 7.31
N GLY B 403 6.64 12.93 8.21
CA GLY B 403 6.97 12.23 9.45
C GLY B 403 7.48 10.81 9.25
N ASP B 404 6.92 10.08 8.29
CA ASP B 404 7.29 8.67 8.06
C ASP B 404 8.63 8.55 7.34
N HIS B 405 8.78 9.35 6.30
CA HIS B 405 10.02 9.42 5.54
C HIS B 405 11.21 9.75 6.46
N ASN B 406 11.05 10.79 7.28
CA ASN B 406 12.16 11.33 8.05
C ASN B 406 12.39 10.73 9.45
N VAL B 407 11.34 10.23 10.11
CA VAL B 407 11.48 9.75 11.49
C VAL B 407 10.94 8.33 11.72
N VAL B 408 9.65 8.11 11.50
CA VAL B 408 9.02 6.84 11.91
C VAL B 408 9.66 5.64 11.22
N CYS B 409 9.88 5.71 9.91
CA CYS B 409 10.40 4.55 9.22
C CYS B 409 11.90 4.30 9.41
N PRO B 410 12.73 5.37 9.43
CA PRO B 410 14.08 5.26 10.00
C PRO B 410 14.14 4.62 11.40
N VAL B 411 13.26 5.01 12.32
CA VAL B 411 13.24 4.41 13.68
C VAL B 411 12.93 2.90 13.63
N ALA B 412 11.90 2.52 12.87
CA ALA B 412 11.53 1.10 12.73
C ALA B 412 12.68 0.28 12.14
N GLN B 413 13.33 0.82 11.12
CA GLN B 413 14.55 0.20 10.55
C GLN B 413 15.63 -0.08 11.59
N LEU B 414 15.98 0.95 12.35
CA LEU B 414 17.03 0.85 13.36
C LEU B 414 16.65 -0.14 14.45
N ALA B 415 15.42 0.00 14.96
CA ALA B 415 14.91 -0.89 15.98
C ALA B 415 15.05 -2.34 15.55
N GLY B 416 14.68 -2.64 14.30
CA GLY B 416 14.72 -4.00 13.79
C GLY B 416 16.13 -4.58 13.62
N ARG B 417 17.05 -3.76 13.12
CA ARG B 417 18.44 -4.19 12.95
C ARG B 417 19.14 -4.37 14.31
N LEU B 418 18.96 -3.44 15.23
CA LEU B 418 19.57 -3.57 16.55
C LEU B 418 19.08 -4.85 17.25
N ALA B 419 17.79 -5.12 17.18
CA ALA B 419 17.22 -6.31 17.79
C ALA B 419 17.77 -7.57 17.14
N ALA B 420 17.83 -7.61 15.81
CA ALA B 420 18.35 -8.77 15.09
C ALA B 420 19.85 -9.00 15.35
N GLN B 421 20.59 -7.91 15.48
CA GLN B 421 22.02 -7.93 15.77
C GLN B 421 22.35 -8.08 17.28
N GLY B 422 21.38 -8.51 18.09
CA GLY B 422 21.65 -8.92 19.47
C GLY B 422 21.38 -7.88 20.54
N ALA B 423 20.91 -6.69 20.15
CA ALA B 423 20.63 -5.64 21.13
C ALA B 423 19.32 -5.87 21.85
N ARG B 424 19.26 -5.35 23.06
CA ARG B 424 18.04 -5.33 23.82
C ARG B 424 17.33 -4.01 23.54
N VAL B 425 16.16 -4.06 22.90
CA VAL B 425 15.48 -2.85 22.40
C VAL B 425 14.07 -2.70 22.99
N TYR B 426 13.71 -1.49 23.41
CA TYR B 426 12.34 -1.15 23.84
C TYR B 426 11.85 0.03 23.00
N ALA B 427 10.62 -0.04 22.50
CA ALA B 427 10.07 1.00 21.64
C ALA B 427 8.74 1.56 22.16
N TYR B 428 8.47 2.79 21.74
CA TYR B 428 7.28 3.52 22.20
C TYR B 428 6.76 4.45 21.11
N ILE B 429 5.47 4.79 21.21
CA ILE B 429 4.92 5.95 20.53
C ILE B 429 4.30 6.87 21.56
N PHE B 430 4.64 8.15 21.49
CA PHE B 430 4.17 9.13 22.46
C PHE B 430 2.94 9.89 21.92
N GLU B 431 1.81 9.77 22.63
CA GLU B 431 0.53 10.19 22.06
C GLU B 431 -0.21 11.26 22.84
N HIS B 432 0.41 11.82 23.87
CA HIS B 432 -0.23 12.87 24.64
C HIS B 432 0.14 14.28 24.14
N ARG B 433 -0.88 15.09 23.87
CA ARG B 433 -0.67 16.48 23.44
C ARG B 433 -0.78 17.38 24.66
N ALA B 434 0.27 18.15 24.91
CA ALA B 434 0.33 19.08 26.03
C ALA B 434 -0.86 20.03 26.01
N SER B 435 -1.49 20.21 27.17
CA SER B 435 -2.64 21.10 27.33
C SER B 435 -2.28 22.56 27.10
N THR B 436 -1.01 22.88 27.29
CA THR B 436 -0.48 24.24 27.16
C THR B 436 0.15 24.54 25.79
N LEU B 437 0.04 23.60 24.83
CA LEU B 437 0.58 23.79 23.47
C LEU B 437 -0.01 25.03 22.79
N THR B 438 0.85 25.86 22.19
CA THR B 438 0.39 27.06 21.47
C THR B 438 0.18 26.84 19.98
N TRP B 439 0.72 25.74 19.44
CA TRP B 439 0.43 25.33 18.06
C TRP B 439 -1.02 24.90 17.94
N PRO B 440 -1.63 25.05 16.75
CA PRO B 440 -3.04 24.68 16.56
C PRO B 440 -3.30 23.18 16.65
N LEU B 441 -4.57 22.82 16.81
CA LEU B 441 -5.00 21.44 17.00
C LEU B 441 -4.60 20.53 15.84
N TRP B 442 -4.57 21.07 14.63
CA TRP B 442 -4.34 20.21 13.46
C TRP B 442 -2.95 19.57 13.48
N MET B 443 -2.00 20.20 14.16
CA MET B 443 -0.64 19.70 14.22
C MET B 443 -0.48 18.53 15.20
N GLY B 444 -1.50 18.31 16.04
CA GLY B 444 -1.57 17.15 16.93
C GLY B 444 -0.52 17.14 18.03
N VAL B 445 0.22 16.03 18.13
CA VAL B 445 1.35 15.90 19.04
C VAL B 445 2.64 16.09 18.22
N PRO B 446 3.13 17.34 18.12
CA PRO B 446 4.23 17.60 17.20
C PRO B 446 5.61 17.16 17.71
N HIS B 447 6.52 17.01 16.75
CA HIS B 447 7.91 16.66 16.99
C HIS B 447 8.51 17.57 18.07
N GLY B 448 9.05 16.97 19.12
CA GLY B 448 9.68 17.73 20.19
C GLY B 448 8.86 17.91 21.46
N TYR B 449 7.55 17.66 21.42
CA TYR B 449 6.69 17.99 22.58
C TYR B 449 6.44 16.86 23.61
N GLU B 450 7.28 15.84 23.54
CA GLU B 450 7.40 14.85 24.61
C GLU B 450 8.47 15.23 25.64
N ILE B 451 9.38 16.11 25.26
CA ILE B 451 10.60 16.32 26.03
C ILE B 451 10.25 16.92 27.39
N GLU B 452 9.36 17.90 27.38
CA GLU B 452 8.95 18.56 28.61
C GLU B 452 8.35 17.59 29.64
N PHE B 453 7.73 16.51 29.17
CA PHE B 453 7.17 15.46 30.04
C PHE B 453 8.24 14.56 30.62
N ILE B 454 9.19 14.16 29.79
CA ILE B 454 10.29 13.30 30.23
C ILE B 454 11.20 14.02 31.21
N PHE B 455 11.47 15.30 30.96
CA PHE B 455 12.26 16.11 31.90
C PHE B 455 11.47 16.52 33.18
N GLY B 456 10.15 16.37 33.15
CA GLY B 456 9.34 16.50 34.37
C GLY B 456 8.82 17.90 34.67
N LEU B 457 8.72 18.76 33.65
CA LEU B 457 8.27 20.15 33.86
C LEU B 457 6.86 20.26 34.47
N PRO B 458 5.93 19.36 34.10
CA PRO B 458 4.62 19.41 34.74
C PRO B 458 4.59 19.35 36.28
N LEU B 459 5.70 18.99 36.93
CA LEU B 459 5.78 18.95 38.38
C LEU B 459 5.91 20.36 39.00
N ASP B 460 6.26 21.34 38.16
CA ASP B 460 6.29 22.74 38.57
C ASP B 460 4.89 23.35 38.35
N PRO B 461 4.18 23.64 39.46
CA PRO B 461 2.78 24.10 39.35
C PRO B 461 2.63 25.50 38.73
N SER B 462 3.68 26.32 38.79
CA SER B 462 3.64 27.63 38.14
C SER B 462 3.45 27.56 36.62
N LEU B 463 3.67 26.39 36.03
CA LEU B 463 3.61 26.20 34.58
C LEU B 463 2.23 25.84 34.05
N ASN B 464 1.29 25.51 34.94
CA ASN B 464 -0.12 25.31 34.57
C ASN B 464 -0.48 24.07 33.76
N TYR B 465 0.31 23.00 33.90
CA TYR B 465 -0.11 21.70 33.39
C TYR B 465 -1.20 21.16 34.31
N THR B 466 -1.96 20.19 33.82
CA THR B 466 -3.01 19.56 34.62
C THR B 466 -2.42 18.55 35.61
N THR B 467 -3.27 18.11 36.54
CA THR B 467 -2.90 17.12 37.55
C THR B 467 -2.54 15.78 36.93
N GLU B 468 -3.29 15.37 35.92
CA GLU B 468 -3.04 14.11 35.20
C GLU B 468 -1.75 14.19 34.39
N GLU B 469 -1.40 15.38 33.91
CA GLU B 469 -0.14 15.60 33.21
C GLU B 469 1.09 15.48 34.12
N ARG B 470 0.91 15.82 35.38
CA ARG B 470 1.93 15.68 36.40
C ARG B 470 2.16 14.20 36.73
N ILE B 471 1.08 13.45 36.94
CA ILE B 471 1.16 12.01 37.21
C ILE B 471 1.82 11.26 36.05
N PHE B 472 1.49 11.67 34.82
CA PHE B 472 2.06 11.14 33.58
C PHE B 472 3.56 11.42 33.47
N ALA B 473 3.95 12.66 33.74
CA ALA B 473 5.36 13.06 33.71
C ALA B 473 6.16 12.17 34.66
N GLN B 474 5.63 11.98 35.86
CA GLN B 474 6.28 11.14 36.87
C GLN B 474 6.45 9.69 36.41
N ARG B 475 5.46 9.16 35.70
CA ARG B 475 5.56 7.83 35.09
C ARG B 475 6.72 7.76 34.10
N LEU B 476 6.82 8.75 33.23
CA LEU B 476 7.86 8.76 32.19
C LEU B 476 9.27 8.92 32.76
N MET B 477 9.42 9.83 33.72
CA MET B 477 10.66 9.99 34.46
C MET B 477 11.11 8.67 35.05
N LYS B 478 10.17 7.84 35.48
CA LYS B 478 10.52 6.53 36.04
C LYS B 478 10.93 5.52 34.97
N TYR B 479 10.24 5.52 33.83
CA TYR B 479 10.59 4.59 32.75
C TYR B 479 12.03 4.87 32.34
N TRP B 480 12.32 6.13 32.02
CA TRP B 480 13.64 6.58 31.61
C TRP B 480 14.75 6.33 32.63
N THR B 481 14.50 6.62 33.91
CA THR B 481 15.52 6.38 34.92
C THR B 481 15.66 4.90 35.26
N ASN B 482 14.55 4.14 35.25
CA ASN B 482 14.63 2.66 35.37
C ASN B 482 15.48 2.09 34.25
N PHE B 483 15.23 2.54 33.02
CA PHE B 483 16.05 2.11 31.89
C PHE B 483 17.54 2.49 32.14
N ALA B 484 17.78 3.71 32.59
CA ALA B 484 19.15 4.15 32.90
C ALA B 484 19.82 3.23 33.93
N ARG B 485 19.08 2.90 34.99
CA ARG B 485 19.58 2.04 36.08
C ARG B 485 19.90 0.62 35.64
N THR B 486 19.03 0.02 34.84
CA THR B 486 19.03 -1.42 34.61
C THR B 486 18.99 -1.87 33.15
N GLY B 487 18.69 -0.95 32.22
CA GLY B 487 18.53 -1.30 30.81
C GLY B 487 17.14 -1.85 30.47
N ASP B 488 16.22 -1.71 31.43
CA ASP B 488 14.85 -2.19 31.34
C ASP B 488 13.96 -1.11 31.94
N PRO B 489 13.01 -0.56 31.17
CA PRO B 489 12.21 0.53 31.74
C PRO B 489 11.17 0.07 32.75
N ASN B 490 10.98 -1.23 32.90
CA ASN B 490 9.99 -1.76 33.84
C ASN B 490 10.45 -1.64 35.30
N ASP B 491 9.50 -1.33 36.18
CA ASP B 491 9.78 -1.14 37.59
C ASP B 491 10.05 -2.51 38.23
N PRO B 492 11.26 -2.70 38.80
CA PRO B 492 11.70 -4.03 39.27
C PRO B 492 10.93 -4.65 40.44
N ARG B 493 10.14 -3.87 41.18
CA ARG B 493 9.39 -4.41 42.32
C ARG B 493 7.86 -4.24 42.18
N ASP B 494 7.41 -3.27 41.38
CA ASP B 494 5.99 -3.13 41.03
C ASP B 494 5.54 -4.35 40.22
N SER B 495 4.69 -5.18 40.81
CA SER B 495 4.16 -6.37 40.12
C SER B 495 3.84 -6.05 38.65
N LYS B 496 2.69 -5.44 38.39
CA LYS B 496 2.26 -5.22 37.02
C LYS B 496 1.99 -3.75 36.67
N SER B 497 1.90 -3.49 35.37
CA SER B 497 1.44 -2.20 34.86
C SER B 497 1.03 -2.33 33.38
N PRO B 498 0.50 -3.48 32.97
CA PRO B 498 1.11 -4.34 31.98
C PRO B 498 2.58 -4.00 31.70
N GLN B 499 3.40 -5.02 31.60
CA GLN B 499 4.84 -4.84 31.42
C GLN B 499 5.12 -4.31 30.02
N TRP B 500 6.17 -3.52 29.89
CA TRP B 500 6.69 -3.05 28.60
C TRP B 500 7.62 -4.14 28.03
N PRO B 501 7.22 -4.85 26.95
CA PRO B 501 8.05 -5.93 26.44
C PRO B 501 9.14 -5.43 25.50
N PRO B 502 10.26 -6.18 25.40
CA PRO B 502 11.26 -5.82 24.40
C PRO B 502 10.73 -5.88 22.97
N TYR B 503 11.20 -4.98 22.12
CA TYR B 503 10.93 -4.99 20.69
C TYR B 503 11.79 -6.08 20.07
N THR B 504 11.16 -6.96 19.28
CA THR B 504 11.83 -8.02 18.55
C THR B 504 11.38 -7.96 17.09
N THR B 505 12.13 -8.62 16.23
CA THR B 505 11.81 -8.61 14.80
C THR B 505 10.61 -9.51 14.51
N ALA B 506 10.43 -10.57 15.29
CA ALA B 506 9.26 -11.44 15.14
C ALA B 506 7.98 -10.72 15.57
N ALA B 507 7.92 -10.28 16.83
CA ALA B 507 6.65 -9.75 17.40
C ALA B 507 6.46 -8.25 17.20
N GLN B 508 7.55 -7.50 17.09
CA GLN B 508 7.49 -6.07 16.80
C GLN B 508 6.66 -5.28 17.84
N GLN B 509 6.76 -5.70 19.10
CA GLN B 509 5.99 -5.06 20.17
C GLN B 509 6.56 -3.71 20.59
N TYR B 510 5.67 -2.74 20.74
CA TYR B 510 5.99 -1.42 21.26
C TYR B 510 4.83 -0.94 22.12
N VAL B 511 5.01 0.14 22.85
CA VAL B 511 3.96 0.62 23.75
C VAL B 511 3.54 2.05 23.45
N SER B 512 2.31 2.39 23.83
CA SER B 512 1.80 3.75 23.77
C SER B 512 1.99 4.44 25.11
N LEU B 513 2.61 5.61 25.05
CA LEU B 513 2.80 6.47 26.20
C LEU B 513 1.78 7.60 26.10
N ASN B 514 0.75 7.51 26.92
CA ASN B 514 -0.27 8.54 26.99
C ASN B 514 -0.85 8.52 28.40
N LEU B 515 -1.97 9.19 28.63
CA LEU B 515 -2.52 9.33 29.97
C LEU B 515 -3.11 8.02 30.49
N LYS B 516 -3.40 7.09 29.59
CA LYS B 516 -3.89 5.76 29.96
C LYS B 516 -2.72 4.82 30.31
N PRO B 517 -3.01 3.72 31.04
CA PRO B 517 -2.00 2.67 31.30
C PRO B 517 -1.33 2.12 30.04
N LEU B 518 -0.08 1.67 30.14
CA LEU B 518 0.65 1.17 28.95
C LEU B 518 -0.22 0.18 28.18
N GLU B 519 -0.24 0.35 26.88
CA GLU B 519 -0.88 -0.59 25.98
C GLU B 519 0.21 -1.12 25.05
N VAL B 520 0.22 -2.42 24.82
CA VAL B 520 1.17 -3.05 23.92
C VAL B 520 0.58 -3.19 22.51
N ARG B 521 1.32 -2.73 21.50
CA ARG B 521 0.92 -2.84 20.10
C ARG B 521 1.98 -3.57 19.31
N ARG B 522 1.62 -4.08 18.15
CA ARG B 522 2.55 -4.81 17.30
C ARG B 522 2.69 -4.13 15.95
N GLY B 523 3.93 -3.88 15.54
CA GLY B 523 4.23 -3.33 14.23
C GLY B 523 4.14 -1.83 14.16
N LEU B 524 5.30 -1.15 14.12
CA LEU B 524 5.36 0.31 13.92
C LEU B 524 5.17 0.65 12.45
N ARG B 525 3.96 1.03 12.06
CA ARG B 525 3.65 1.35 10.67
C ARG B 525 4.25 0.29 9.75
N ALA B 526 3.99 -0.99 10.03
CA ALA B 526 4.69 -2.06 9.32
C ALA B 526 4.54 -1.96 7.80
N GLN B 527 3.32 -1.86 7.30
CA GLN B 527 3.09 -1.84 5.84
C GLN B 527 3.69 -0.61 5.18
N THR B 528 3.45 0.54 5.78
CA THR B 528 3.94 1.80 5.24
C THR B 528 5.46 1.85 5.28
N CYS B 529 6.07 1.34 6.34
CA CYS B 529 7.52 1.39 6.42
C CYS B 529 8.20 0.37 5.50
N ALA B 530 7.49 -0.69 5.09
CA ALA B 530 7.97 -1.57 4.02
C ALA B 530 8.07 -0.80 2.69
N PHE B 531 7.12 0.08 2.44
CA PHE B 531 7.18 0.98 1.30
C PHE B 531 8.47 1.82 1.31
N TRP B 532 8.67 2.59 2.36
CA TRP B 532 9.85 3.46 2.47
C TRP B 532 11.14 2.64 2.58
N ASN B 533 11.17 1.62 3.43
CA ASN B 533 12.43 0.94 3.76
C ASN B 533 12.82 -0.15 2.79
N ARG B 534 11.87 -0.73 2.07
CA ARG B 534 12.16 -1.85 1.18
C ARG B 534 11.91 -1.56 -0.29
N PHE B 535 10.78 -0.94 -0.63
CA PHE B 535 10.43 -0.79 -2.02
C PHE B 535 11.10 0.42 -2.67
N LEU B 536 10.98 1.59 -2.05
CA LEU B 536 11.55 2.79 -2.66
C LEU B 536 13.05 2.67 -3.02
N PRO B 537 13.87 2.09 -2.13
CA PRO B 537 15.26 1.77 -2.46
C PRO B 537 15.44 0.97 -3.77
N LYS B 538 14.59 -0.03 -3.98
CA LYS B 538 14.61 -0.82 -5.23
C LYS B 538 14.21 0.04 -6.42
N LEU B 539 13.31 1.00 -6.19
CA LEU B 539 12.86 1.89 -7.26
C LEU B 539 13.98 2.82 -7.68
N LEU B 540 14.89 3.13 -6.76
CA LEU B 540 16.12 3.89 -7.04
C LEU B 540 17.14 3.03 -7.82
N SER B 541 17.47 1.85 -7.27
CA SER B 541 18.44 0.94 -7.89
C SER B 541 18.06 0.47 -9.29
N ALA B 542 16.79 0.14 -9.48
CA ALA B 542 16.29 -0.33 -10.78
C ALA B 542 16.27 0.78 -11.84
N THR B 543 15.93 2.00 -11.41
CA THR B 543 15.90 3.17 -12.31
C THR B 543 16.47 4.40 -11.61
#